data_1VBD
#
_entry.id   1VBD
#
_cell.length_a   322.940
_cell.length_b   358.040
_cell.length_c   380.150
_cell.angle_alpha   90.00
_cell.angle_beta   90.00
_cell.angle_gamma   90.00
#
_symmetry.space_group_name_H-M   'P 21 21 2'
#
loop_
_entity.id
_entity.type
_entity.pdbx_description
1 polymer 'POLIOVIRUS TYPE 1 MAHONEY'
2 polymer 'POLIOVIRUS TYPE 1 MAHONEY'
3 polymer 'POLIOVIRUS TYPE 1 MAHONEY'
4 polymer 'POLIOVIRUS TYPE 1 MAHONEY'
5 polymer 'POLIOVIRUS TYPE 1 MAHONEY'
6 non-polymer '(METHYLPYRIDAZINE PIPERIDINE PROPYLOXYPHENYL)ETHYLACETATE'
7 non-polymer 'MYRISTIC ACID'
#
loop_
_entity_poly.entity_id
_entity_poly.type
_entity_poly.pdbx_seq_one_letter_code
_entity_poly.pdbx_strand_id
1 'polypeptide(L)' GSSST 0
2 'polypeptide(L)'
;GLGQMLESMIDNTVRETVGAATSRDALPNTEASGPTHSKEIPALTAVETGATNPLVPSDTVQTRHVVQHRSRSESSIESF
FARGACVTIMTVDNPASTTNKDKLFAVWKITYKDTVQLRRKLEFFTYSRFDMELTFVVTANFTETNNGHALNQVYQIMYV
PPGAPVPEKWDDYTWQTSSNPSIFYTYGTAPARISVPYVGISNAYSHFYDGFSKVPLKDQSAALGDSLYGAASLNDFGIL
AVRVVNDHNPTKVTSKIRVYLKPKHIRVWCPRPPRAVAYYGPGVDYKDGTLTPLSTKDLTTY
;
1
3 'polypeptide(L)'
;SPNIEACGYSDRVLQLTLGNSTITTQEAANSVVAYGRWPEYLRDSEANPVDQPTEPDVAACRFYTLDTVSWTKESRGWWW
KLPDALRDMGLFGQNMYYHYLGRSGYTVHVQCNASKFHQGALGVFAVPEMCLAGDSNTTTMHTSYQNANPGEKGGTFTGT
FTPDNNQTSPARRFCPVDYLLGNGTLLGNAFVFPHQIINLRTNNCATLVLPYVNSLSIDSMVKHNNWGIAILPLAPLNFA
SESSPEIPITLTIAPMCCEFNGLRNITLPRLQ
;
2
4 'polypeptide(L)'
;GLPVMNTPGSNQYLTADNFQSPCALPEFDVTPPIDIPGEVKNMMELAEIDTMIPFDLSATKKNTMEMYRVRLSDKPHTDD
PILCLSLSPASDPRLSHTMLGEILNYYTHWAGSLKFTFLFCGSMMATGKLLVSYAPPGADPPKKRKEAMLGTHVIWDIGL
QSSCTMVVPWISNTTYRQTIDDSFTEGGYISVFYQTRIVVPLSTPREMDILGFVSACNDFSVRLLRDTTHIEQKALAQ
;
3
5 'polypeptide(L)' GAQVSSQKVGAHENSNRAYGGSTINYTTINYYRDSASNAASKQDFSQDPSKFTEPIKDVLIKTAPMLN 4
#
loop_
_chem_comp.id
_chem_comp.type
_chem_comp.name
_chem_comp.formula
J78 non-polymer '(METHYLPYRIDAZINE PIPERIDINE PROPYLOXYPHENYL)ETHYLACETATE' 'C22 H29 N3 O3'
MYR non-polymer 'MYRISTIC ACID' 'C14 H28 O2'
#
# COMPACT_ATOMS: atom_id res chain seq x y z
N GLY A 1 -45.19 -1.65 -1.87
CA GLY A 1 -44.78 -0.51 -2.68
C GLY A 1 -43.26 -0.23 -2.69
N SER A 2 -42.92 1.02 -2.37
CA SER A 2 -41.55 1.49 -2.38
C SER A 2 -40.86 1.76 -1.02
N SER A 3 -39.93 0.89 -0.63
CA SER A 3 -39.12 1.07 0.59
C SER A 3 -38.19 2.31 0.59
N SER A 4 -38.61 3.34 1.34
CA SER A 4 -37.83 4.56 1.55
C SER A 4 -36.42 4.35 2.11
N THR A 5 -36.03 4.72 3.33
CA THR A 5 -34.72 4.48 3.95
C THR A 5 -34.61 5.28 5.23
N ALA B 20 -22.18 2.20 12.96
CA ALA B 20 -23.07 3.18 12.32
C ALA B 20 -22.40 4.42 11.70
N ALA B 21 -21.08 4.64 11.85
CA ALA B 21 -20.45 5.85 11.29
C ALA B 21 -20.38 5.91 9.76
N THR B 22 -21.30 6.64 9.15
CA THR B 22 -21.28 6.91 7.71
C THR B 22 -20.07 7.66 7.20
N SER B 23 -19.56 7.29 6.03
CA SER B 23 -18.46 7.98 5.33
C SER B 23 -18.62 9.51 5.20
N ARG B 24 -19.85 9.99 5.02
CA ARG B 24 -20.12 11.41 4.97
C ARG B 24 -20.53 12.08 6.27
N ASP B 25 -20.42 11.42 7.42
CA ASP B 25 -20.64 12.13 8.69
C ASP B 25 -19.55 13.14 8.94
N ALA B 26 -19.88 14.23 9.61
CA ALA B 26 -18.88 15.21 9.96
C ALA B 26 -17.83 14.68 10.94
N LEU B 27 -16.62 15.16 10.79
CA LEU B 27 -15.52 14.76 11.65
C LEU B 27 -15.65 15.31 13.08
N PRO B 28 -14.92 14.83 14.10
CA PRO B 28 -15.07 15.30 15.46
C PRO B 28 -14.83 16.78 15.70
N ASN B 29 -15.67 17.39 16.53
CA ASN B 29 -15.49 18.79 16.93
C ASN B 29 -14.25 19.03 17.77
N THR B 30 -13.65 20.21 17.61
CA THR B 30 -12.57 20.58 18.50
C THR B 30 -13.14 21.12 19.79
N GLU B 31 -12.64 20.57 20.87
CA GLU B 31 -13.05 21.00 22.19
C GLU B 31 -12.17 22.05 22.81
N ALA B 32 -12.73 22.99 23.57
CA ALA B 32 -11.92 24.00 24.24
C ALA B 32 -11.00 23.37 25.28
N SER B 33 -9.72 23.71 25.29
CA SER B 33 -8.81 23.19 26.28
C SER B 33 -7.95 24.29 26.86
N GLY B 34 -7.79 24.23 28.18
CA GLY B 34 -7.06 25.25 28.92
C GLY B 34 -5.62 24.91 29.28
N PRO B 35 -4.95 25.72 30.12
CA PRO B 35 -3.58 25.47 30.57
C PRO B 35 -3.40 24.13 31.30
N THR B 36 -2.19 23.62 31.41
CA THR B 36 -1.93 22.34 32.08
C THR B 36 -0.63 22.27 32.84
N HIS B 37 -0.62 21.64 34.01
CA HIS B 37 0.61 21.40 34.79
C HIS B 37 0.45 20.04 35.46
N SER B 38 0.67 18.92 34.80
CA SER B 38 0.40 17.61 35.42
C SER B 38 1.37 16.49 35.08
N LYS B 39 1.18 15.34 35.71
CA LYS B 39 1.93 14.14 35.41
C LYS B 39 1.52 13.38 34.15
N GLU B 40 0.48 13.84 33.47
CA GLU B 40 0.04 13.24 32.22
C GLU B 40 0.89 13.69 31.05
N ILE B 41 1.45 12.76 30.29
CA ILE B 41 2.36 13.11 29.20
C ILE B 41 1.97 12.77 27.75
N PRO B 42 0.88 13.28 27.16
CA PRO B 42 0.46 12.94 25.80
C PRO B 42 1.52 13.12 24.70
N ALA B 43 2.29 14.20 24.81
CA ALA B 43 3.35 14.52 23.86
C ALA B 43 4.49 13.50 23.84
N LEU B 44 4.78 12.89 24.99
CA LEU B 44 5.82 11.88 25.06
C LEU B 44 5.37 10.49 24.69
N THR B 45 6.15 9.79 23.88
CA THR B 45 5.76 8.44 23.43
C THR B 45 6.94 7.56 22.98
N ALA B 46 6.67 6.38 22.41
CA ALA B 46 7.72 5.50 21.90
C ALA B 46 7.29 4.75 20.65
N VAL B 47 7.67 5.25 19.47
CA VAL B 47 7.26 4.66 18.21
C VAL B 47 7.73 3.23 17.93
N GLU B 48 8.72 2.79 18.68
CA GLU B 48 9.26 1.43 18.64
C GLU B 48 8.18 0.36 18.76
N THR B 49 7.19 0.68 19.58
CA THR B 49 6.03 -0.20 19.82
C THR B 49 5.28 -0.61 18.57
N GLY B 50 5.38 0.22 17.55
CA GLY B 50 4.67 0.00 16.31
C GLY B 50 3.41 0.86 16.21
N ALA B 51 3.08 1.57 17.26
CA ALA B 51 1.91 2.44 17.25
C ALA B 51 2.16 3.91 16.92
N THR B 52 1.14 4.56 16.40
CA THR B 52 1.16 5.99 16.07
C THR B 52 0.44 6.71 17.20
N ASN B 53 1.08 7.72 17.77
CA ASN B 53 0.51 8.46 18.90
C ASN B 53 -0.77 9.23 18.57
N PRO B 54 -1.93 8.93 19.15
CA PRO B 54 -3.25 9.39 18.70
C PRO B 54 -3.53 10.83 19.14
N LEU B 55 -2.62 11.77 18.99
CA LEU B 55 -2.84 13.09 19.52
C LEU B 55 -3.72 14.02 18.68
N VAL B 56 -4.43 14.88 19.38
CA VAL B 56 -5.22 15.92 18.75
C VAL B 56 -4.74 17.28 19.26
N PRO B 57 -4.93 18.44 18.58
CA PRO B 57 -4.37 19.72 19.01
C PRO B 57 -4.51 20.12 20.47
N SER B 58 -5.66 19.85 21.06
CA SER B 58 -5.89 20.14 22.49
C SER B 58 -4.99 19.41 23.46
N ASP B 59 -4.30 18.36 23.02
CA ASP B 59 -3.34 17.65 23.87
C ASP B 59 -2.03 18.39 24.09
N THR B 60 -1.69 19.27 23.17
CA THR B 60 -0.43 20.00 23.29
C THR B 60 -0.57 21.51 23.18
N VAL B 61 -1.71 22.04 22.78
CA VAL B 61 -1.91 23.50 22.77
C VAL B 61 -3.26 23.88 23.36
N GLN B 62 -3.41 25.12 23.81
CA GLN B 62 -4.74 25.57 24.22
C GLN B 62 -5.65 25.80 23.02
N THR B 63 -6.74 25.08 22.99
CA THR B 63 -7.70 25.17 21.91
C THR B 63 -9.03 25.82 22.21
N ARG B 64 -9.69 26.34 21.19
CA ARG B 64 -11.04 26.86 21.36
C ARG B 64 -12.06 25.78 20.97
N HIS B 65 -13.35 26.05 21.13
CA HIS B 65 -14.36 25.11 20.67
C HIS B 65 -14.75 25.38 19.23
N VAL B 66 -14.61 24.40 18.38
CA VAL B 66 -15.01 24.52 16.98
C VAL B 66 -16.02 23.43 16.63
N VAL B 67 -17.14 23.76 16.00
CA VAL B 67 -18.10 22.76 15.57
C VAL B 67 -17.74 22.34 14.15
N GLN B 68 -17.14 21.16 14.03
CA GLN B 68 -16.69 20.63 12.74
C GLN B 68 -17.78 20.22 11.76
N HIS B 69 -17.59 20.67 10.54
CA HIS B 69 -18.53 20.33 9.46
C HIS B 69 -17.92 19.51 8.33
N ARG B 70 -16.60 19.43 8.22
CA ARG B 70 -15.97 18.69 7.16
C ARG B 70 -16.19 17.19 7.25
N SER B 71 -16.15 16.49 6.13
CA SER B 71 -16.37 15.05 6.16
C SER B 71 -15.42 14.32 5.23
N ARG B 72 -15.26 13.02 5.44
CA ARG B 72 -14.37 12.23 4.59
C ARG B 72 -15.08 11.48 3.47
N SER B 73 -16.22 12.00 3.06
CA SER B 73 -17.05 11.41 2.00
C SER B 73 -16.35 11.09 0.69
N GLU B 74 -15.63 12.05 0.15
CA GLU B 74 -14.93 11.85 -1.11
C GLU B 74 -13.67 10.99 -1.03
N SER B 75 -13.21 10.62 0.15
CA SER B 75 -12.05 9.74 0.26
C SER B 75 -12.39 8.31 0.70
N SER B 76 -13.66 7.97 0.59
CA SER B 76 -14.10 6.59 0.81
C SER B 76 -13.55 5.67 -0.27
N ILE B 77 -13.32 4.37 -0.09
CA ILE B 77 -12.80 3.54 -1.17
C ILE B 77 -13.64 3.61 -2.45
N GLU B 78 -14.98 3.57 -2.37
CA GLU B 78 -15.82 3.75 -3.55
C GLU B 78 -15.52 5.06 -4.26
N SER B 79 -15.53 6.15 -3.51
CA SER B 79 -15.30 7.47 -4.08
C SER B 79 -13.94 7.67 -4.71
N PHE B 80 -12.91 7.09 -4.11
CA PHE B 80 -11.56 7.15 -4.65
C PHE B 80 -11.44 6.47 -6.02
N PHE B 81 -12.12 5.34 -6.19
CA PHE B 81 -12.12 4.62 -7.45
C PHE B 81 -13.31 4.87 -8.37
N ALA B 82 -14.28 5.70 -7.97
CA ALA B 82 -15.50 5.95 -8.75
C ALA B 82 -15.37 6.81 -9.99
N ARG B 83 -14.53 6.33 -10.89
CA ARG B 83 -14.18 7.05 -12.09
C ARG B 83 -13.78 6.07 -13.19
N GLY B 84 -14.15 6.30 -14.44
CA GLY B 84 -13.79 5.43 -15.54
C GLY B 84 -12.36 5.69 -16.01
N ALA B 85 -11.46 4.75 -15.87
CA ALA B 85 -10.07 4.92 -16.26
C ALA B 85 -9.64 4.23 -17.54
N CYS B 86 -8.89 4.85 -18.47
CA CYS B 86 -8.46 4.15 -19.67
C CYS B 86 -7.44 3.04 -19.47
N VAL B 87 -7.83 1.81 -19.77
CA VAL B 87 -6.92 0.68 -19.61
C VAL B 87 -6.29 0.12 -20.88
N THR B 88 -6.79 0.48 -22.05
CA THR B 88 -6.21 0.07 -23.34
C THR B 88 -6.80 0.73 -24.58
N ILE B 89 -6.06 0.74 -25.66
CA ILE B 89 -6.51 1.24 -26.95
C ILE B 89 -6.36 0.12 -27.97
N MET B 90 -7.45 -0.38 -28.50
CA MET B 90 -7.40 -1.43 -29.51
C MET B 90 -7.51 -0.86 -30.92
N THR B 91 -6.70 -1.33 -31.87
CA THR B 91 -6.79 -0.84 -33.25
C THR B 91 -7.30 -1.89 -34.21
N VAL B 92 -8.32 -1.56 -34.98
CA VAL B 92 -8.85 -2.44 -36.02
C VAL B 92 -8.97 -1.70 -37.34
N ASP B 93 -9.13 -2.39 -38.46
CA ASP B 93 -9.41 -1.69 -39.72
C ASP B 93 -10.39 -2.39 -40.66
N ASN B 94 -10.68 -1.79 -41.80
CA ASN B 94 -11.45 -2.46 -42.83
C ASN B 94 -10.93 -1.98 -44.18
N PRO B 95 -10.03 -2.76 -44.81
CA PRO B 95 -9.31 -2.35 -46.02
C PRO B 95 -10.09 -2.63 -47.30
N ALA B 96 -9.51 -2.26 -48.45
CA ALA B 96 -10.12 -2.61 -49.74
C ALA B 96 -10.00 -4.09 -50.05
N SER B 97 -10.93 -4.73 -50.77
CA SER B 97 -10.86 -6.20 -51.07
C SER B 97 -9.56 -6.68 -51.68
N THR B 98 -9.00 -5.76 -52.47
CA THR B 98 -7.77 -5.94 -53.20
C THR B 98 -6.47 -6.03 -52.42
N THR B 99 -6.27 -5.19 -51.42
CA THR B 99 -5.01 -5.12 -50.69
C THR B 99 -4.51 -6.45 -50.16
N ASN B 100 -3.32 -6.84 -50.60
CA ASN B 100 -2.69 -8.08 -50.17
C ASN B 100 -2.63 -8.39 -48.67
N LYS B 101 -2.57 -7.36 -47.83
CA LYS B 101 -2.57 -7.58 -46.40
C LYS B 101 -3.93 -7.83 -45.74
N ASP B 102 -3.95 -8.76 -44.78
CA ASP B 102 -5.14 -9.10 -44.02
C ASP B 102 -5.91 -8.02 -43.27
N LYS B 103 -7.24 -8.15 -43.24
CA LYS B 103 -8.08 -7.25 -42.47
C LYS B 103 -7.83 -7.43 -40.96
N LEU B 104 -7.31 -6.35 -40.41
CA LEU B 104 -6.98 -6.27 -39.01
C LEU B 104 -8.09 -6.28 -37.96
N PHE B 105 -8.16 -7.37 -37.24
CA PHE B 105 -9.00 -7.46 -36.07
C PHE B 105 -8.11 -7.44 -34.83
N ALA B 106 -8.61 -6.93 -33.73
CA ALA B 106 -7.81 -6.80 -32.53
C ALA B 106 -8.00 -7.84 -31.45
N VAL B 107 -6.91 -8.25 -30.80
CA VAL B 107 -6.97 -9.16 -29.68
C VAL B 107 -6.28 -8.56 -28.46
N TRP B 108 -7.00 -8.30 -27.38
CA TRP B 108 -6.45 -7.76 -26.14
C TRP B 108 -6.63 -8.69 -24.96
N LYS B 109 -5.57 -8.99 -24.27
CA LYS B 109 -5.60 -9.75 -23.03
C LYS B 109 -6.09 -8.85 -21.88
N ILE B 110 -7.21 -9.10 -21.23
CA ILE B 110 -7.74 -8.18 -20.21
C ILE B 110 -6.89 -8.01 -18.95
N THR B 111 -6.58 -6.76 -18.66
CA THR B 111 -5.74 -6.41 -17.52
C THR B 111 -5.81 -4.96 -17.09
N TYR B 112 -5.56 -4.60 -15.84
CA TYR B 112 -5.44 -3.17 -15.49
C TYR B 112 -4.00 -2.65 -15.64
N LYS B 113 -3.05 -3.49 -16.06
CA LYS B 113 -1.64 -3.15 -16.09
C LYS B 113 -0.97 -2.57 -17.34
N ASP B 114 -1.64 -2.49 -18.47
CA ASP B 114 -1.05 -1.89 -19.67
C ASP B 114 -0.93 -0.38 -19.57
N THR B 115 -1.71 0.23 -18.72
CA THR B 115 -1.59 1.65 -18.45
C THR B 115 -1.16 1.88 -16.99
N VAL B 116 -0.74 3.08 -16.59
CA VAL B 116 -0.21 3.28 -15.26
C VAL B 116 -1.09 3.86 -14.17
N GLN B 117 -1.97 4.80 -14.52
CA GLN B 117 -2.76 5.51 -13.52
C GLN B 117 -3.70 4.73 -12.62
N LEU B 118 -4.64 3.94 -13.19
CA LEU B 118 -5.50 3.08 -12.38
C LEU B 118 -4.69 2.02 -11.63
N ARG B 119 -3.67 1.46 -12.29
CA ARG B 119 -2.78 0.48 -11.68
C ARG B 119 -2.19 0.98 -10.36
N ARG B 120 -1.63 2.18 -10.36
CA ARG B 120 -1.08 2.75 -9.13
C ARG B 120 -2.13 2.96 -8.05
N LYS B 121 -3.34 3.41 -8.38
CA LYS B 121 -4.41 3.53 -7.41
C LYS B 121 -4.81 2.17 -6.80
N LEU B 122 -5.01 1.14 -7.61
CA LEU B 122 -5.32 -0.19 -7.11
C LEU B 122 -4.21 -0.80 -6.28
N GLU B 123 -2.98 -0.45 -6.61
CA GLU B 123 -1.83 -0.96 -5.90
C GLU B 123 -1.51 -0.33 -4.56
N PHE B 124 -2.35 0.59 -4.08
CA PHE B 124 -2.25 1.00 -2.67
C PHE B 124 -2.70 -0.15 -1.76
N PHE B 125 -3.29 -1.18 -2.35
CA PHE B 125 -3.82 -2.33 -1.64
C PHE B 125 -3.32 -3.66 -2.17
N THR B 126 -3.12 -4.64 -1.29
CA THR B 126 -2.68 -5.98 -1.71
C THR B 126 -3.79 -6.76 -2.39
N TYR B 127 -4.97 -6.75 -1.80
CA TYR B 127 -6.09 -7.51 -2.36
C TYR B 127 -7.32 -6.67 -2.61
N SER B 128 -8.12 -7.00 -3.60
CA SER B 128 -9.36 -6.25 -3.83
C SER B 128 -10.50 -7.12 -4.30
N ARG B 129 -11.71 -6.62 -4.16
CA ARG B 129 -12.88 -7.33 -4.63
C ARG B 129 -13.85 -6.32 -5.21
N PHE B 130 -14.30 -6.45 -6.45
CA PHE B 130 -15.22 -5.50 -7.05
C PHE B 130 -15.98 -5.98 -8.27
N ASP B 131 -17.11 -5.36 -8.52
CA ASP B 131 -17.81 -5.56 -9.78
C ASP B 131 -17.19 -4.59 -10.77
N MET B 132 -17.19 -4.91 -12.04
CA MET B 132 -16.54 -4.06 -13.02
C MET B 132 -17.38 -3.53 -14.14
N GLU B 133 -17.26 -2.22 -14.38
CA GLU B 133 -17.95 -1.62 -15.50
C GLU B 133 -16.98 -1.28 -16.63
N LEU B 134 -17.28 -1.73 -17.84
CA LEU B 134 -16.48 -1.38 -19.01
C LEU B 134 -17.26 -0.51 -19.98
N THR B 135 -16.67 0.63 -20.31
CA THR B 135 -17.26 1.54 -21.29
C THR B 135 -16.33 1.68 -22.49
N PHE B 136 -16.88 1.55 -23.69
CA PHE B 136 -16.09 1.57 -24.91
C PHE B 136 -16.25 2.78 -25.81
N VAL B 137 -15.24 3.63 -25.93
CA VAL B 137 -15.30 4.79 -26.83
C VAL B 137 -14.66 4.42 -28.18
N VAL B 138 -15.47 4.42 -29.23
CA VAL B 138 -15.00 4.04 -30.57
C VAL B 138 -14.86 5.21 -31.55
N THR B 139 -13.70 5.37 -32.13
CA THR B 139 -13.47 6.45 -33.10
C THR B 139 -12.87 5.92 -34.38
N ALA B 140 -13.18 6.53 -35.50
CA ALA B 140 -12.63 6.12 -36.78
C ALA B 140 -12.16 7.27 -37.65
N ASN B 141 -11.30 6.96 -38.61
CA ASN B 141 -10.79 7.93 -39.58
C ASN B 141 -10.28 7.33 -40.89
N PHE B 142 -10.15 8.18 -41.89
CA PHE B 142 -9.60 7.78 -43.18
C PHE B 142 -8.08 7.82 -43.15
N THR B 143 -7.41 6.87 -43.78
CA THR B 143 -5.94 6.87 -43.80
C THR B 143 -5.31 7.27 -45.11
N GLU B 144 -5.93 6.86 -46.20
CA GLU B 144 -5.48 7.23 -47.53
C GLU B 144 -5.74 8.66 -47.97
N THR B 145 -4.80 9.35 -48.63
CA THR B 145 -5.08 10.68 -49.25
C THR B 145 -6.25 10.62 -50.24
N ASN B 146 -6.56 9.40 -50.67
CA ASN B 146 -7.74 8.95 -51.44
C ASN B 146 -8.88 9.92 -51.78
N ASN B 147 -10.17 9.64 -51.54
CA ASN B 147 -11.35 10.49 -51.75
C ASN B 147 -12.69 9.78 -51.68
N GLY B 148 -12.72 8.45 -51.74
CA GLY B 148 -13.94 7.66 -51.61
C GLY B 148 -14.63 7.74 -50.25
N HIS B 149 -15.59 6.87 -49.96
CA HIS B 149 -16.30 6.92 -48.69
C HIS B 149 -16.60 5.54 -48.14
N ALA B 150 -17.05 5.57 -46.91
CA ALA B 150 -17.43 4.39 -46.21
C ALA B 150 -18.81 4.57 -45.59
N LEU B 151 -19.64 3.55 -45.63
CA LEU B 151 -20.90 3.60 -44.92
C LEU B 151 -20.69 3.31 -43.42
N ASN B 152 -21.64 3.65 -42.56
CA ASN B 152 -21.44 3.51 -41.11
C ASN B 152 -21.06 2.12 -40.61
N GLN B 153 -19.94 2.02 -39.91
CA GLN B 153 -19.47 0.74 -39.40
C GLN B 153 -20.10 0.20 -38.12
N VAL B 154 -20.33 -1.11 -38.11
CA VAL B 154 -20.76 -1.80 -36.91
C VAL B 154 -19.60 -2.65 -36.45
N TYR B 155 -19.26 -2.54 -35.18
CA TYR B 155 -18.15 -3.26 -34.57
C TYR B 155 -18.62 -4.44 -33.71
N GLN B 156 -17.91 -5.56 -33.73
CA GLN B 156 -18.24 -6.65 -32.81
C GLN B 156 -17.12 -6.80 -31.78
N ILE B 157 -17.49 -6.60 -30.52
CA ILE B 157 -16.58 -6.80 -29.40
C ILE B 157 -16.93 -8.13 -28.74
N MET B 158 -16.17 -9.18 -29.00
CA MET B 158 -16.39 -10.48 -28.39
C MET B 158 -15.45 -10.81 -27.23
N TYR B 159 -16.00 -11.22 -26.11
CA TYR B 159 -15.19 -11.70 -25.01
C TYR B 159 -14.88 -13.18 -25.20
N VAL B 160 -13.61 -13.54 -25.22
CA VAL B 160 -13.21 -14.94 -25.36
C VAL B 160 -12.57 -15.41 -24.06
N PRO B 161 -13.31 -16.16 -23.21
CA PRO B 161 -12.83 -16.60 -21.90
C PRO B 161 -11.78 -17.69 -22.01
N PRO B 162 -10.81 -17.87 -21.08
CA PRO B 162 -9.75 -18.86 -21.22
C PRO B 162 -10.24 -20.28 -21.50
N GLY B 163 -10.00 -20.74 -22.72
CA GLY B 163 -10.41 -22.07 -23.13
C GLY B 163 -11.15 -22.10 -24.46
N ALA B 164 -11.91 -21.06 -24.67
CA ALA B 164 -12.66 -20.86 -25.88
C ALA B 164 -11.82 -20.59 -27.13
N PRO B 165 -12.22 -20.94 -28.37
CA PRO B 165 -11.42 -20.70 -29.56
C PRO B 165 -11.12 -19.25 -29.85
N VAL B 166 -9.87 -18.84 -29.81
CA VAL B 166 -9.50 -17.46 -30.19
C VAL B 166 -9.60 -17.26 -31.70
N PRO B 167 -10.21 -16.20 -32.21
CA PRO B 167 -10.28 -15.93 -33.63
C PRO B 167 -8.94 -15.78 -34.35
N GLU B 168 -8.80 -16.43 -35.50
CA GLU B 168 -7.65 -16.26 -36.36
C GLU B 168 -7.87 -15.39 -37.58
N LYS B 169 -9.12 -15.13 -37.90
CA LYS B 169 -9.51 -14.32 -39.05
C LYS B 169 -10.66 -13.38 -38.72
N TRP B 170 -10.73 -12.18 -39.30
CA TRP B 170 -11.84 -11.25 -39.07
C TRP B 170 -13.22 -11.90 -39.24
N ASP B 171 -13.28 -12.89 -40.11
CA ASP B 171 -14.52 -13.57 -40.43
C ASP B 171 -14.61 -15.07 -40.21
N ASP B 172 -13.84 -15.68 -39.30
CA ASP B 172 -13.97 -17.12 -39.13
C ASP B 172 -15.15 -17.55 -38.26
N TYR B 173 -15.40 -18.84 -38.12
CA TYR B 173 -16.54 -19.34 -37.34
C TYR B 173 -16.66 -18.87 -35.89
N THR B 174 -15.56 -18.48 -35.22
CA THR B 174 -15.63 -18.10 -33.81
C THR B 174 -16.50 -16.89 -33.52
N TRP B 175 -16.58 -15.96 -34.47
CA TRP B 175 -17.40 -14.76 -34.30
C TRP B 175 -18.90 -15.05 -34.24
N GLN B 176 -19.31 -16.30 -34.48
CA GLN B 176 -20.69 -16.76 -34.26
C GLN B 176 -21.22 -16.53 -32.84
N THR B 177 -20.33 -16.50 -31.84
CA THR B 177 -20.66 -16.30 -30.44
C THR B 177 -21.85 -16.96 -29.80
N SER B 178 -22.09 -18.24 -30.07
CA SER B 178 -23.26 -18.91 -29.48
C SER B 178 -23.32 -18.89 -27.96
N SER B 179 -22.13 -18.87 -27.38
CA SER B 179 -22.02 -18.87 -25.94
C SER B 179 -21.17 -17.76 -25.37
N ASN B 180 -20.23 -17.19 -26.12
CA ASN B 180 -19.44 -16.08 -25.63
C ASN B 180 -20.21 -14.76 -25.61
N PRO B 181 -20.02 -13.84 -24.65
CA PRO B 181 -20.68 -12.55 -24.68
C PRO B 181 -20.04 -11.57 -25.66
N SER B 182 -20.77 -11.22 -26.71
CA SER B 182 -20.45 -10.12 -27.61
C SER B 182 -21.27 -8.83 -27.57
N ILE B 183 -20.68 -7.68 -27.79
CA ILE B 183 -21.40 -6.42 -27.98
C ILE B 183 -21.31 -6.03 -29.46
N PHE B 184 -22.43 -5.71 -30.08
CA PHE B 184 -22.45 -5.14 -31.41
C PHE B 184 -22.68 -3.64 -31.31
N TYR B 185 -21.60 -2.90 -31.54
CA TYR B 185 -21.62 -1.45 -31.44
C TYR B 185 -21.81 -0.73 -32.78
N THR B 186 -22.74 0.21 -32.85
CA THR B 186 -22.96 1.00 -34.06
C THR B 186 -22.22 2.34 -34.01
N TYR B 187 -21.31 2.62 -34.92
CA TYR B 187 -20.57 3.88 -34.91
C TYR B 187 -21.43 5.13 -34.82
N GLY B 188 -21.04 6.07 -33.98
CA GLY B 188 -21.81 7.31 -33.85
C GLY B 188 -22.86 7.24 -32.76
N THR B 189 -23.23 6.07 -32.27
CA THR B 189 -24.16 6.00 -31.16
C THR B 189 -23.48 6.21 -29.81
N ALA B 190 -24.20 6.41 -28.70
CA ALA B 190 -23.56 6.58 -27.39
C ALA B 190 -22.57 5.46 -27.07
N PRO B 191 -21.45 5.69 -26.40
CA PRO B 191 -20.48 4.65 -26.14
C PRO B 191 -21.02 3.43 -25.42
N ALA B 192 -20.60 2.28 -25.91
CA ALA B 192 -21.04 0.99 -25.38
C ALA B 192 -20.70 0.72 -23.93
N ARG B 193 -21.55 0.04 -23.20
CA ARG B 193 -21.27 -0.25 -21.79
C ARG B 193 -21.85 -1.54 -21.24
N ILE B 194 -21.03 -2.28 -20.52
CA ILE B 194 -21.47 -3.49 -19.82
C ILE B 194 -20.95 -3.58 -18.40
N SER B 195 -21.63 -4.39 -17.59
CA SER B 195 -21.17 -4.70 -16.25
C SER B 195 -20.78 -6.16 -16.12
N VAL B 196 -19.75 -6.41 -15.33
CA VAL B 196 -19.24 -7.74 -15.08
C VAL B 196 -19.21 -8.03 -13.58
N PRO B 197 -19.65 -9.22 -13.12
CA PRO B 197 -19.61 -9.59 -11.72
C PRO B 197 -18.18 -9.77 -11.21
N TYR B 198 -17.97 -9.99 -9.91
CA TYR B 198 -16.66 -10.38 -9.42
C TYR B 198 -16.34 -11.77 -9.96
N VAL B 199 -15.46 -11.90 -10.95
CA VAL B 199 -15.19 -13.20 -11.58
C VAL B 199 -14.00 -14.03 -11.13
N GLY B 200 -13.38 -13.64 -10.03
CA GLY B 200 -12.21 -14.34 -9.52
C GLY B 200 -12.41 -15.78 -9.04
N ILE B 201 -11.45 -16.67 -9.32
CA ILE B 201 -11.44 -18.02 -8.76
C ILE B 201 -10.86 -18.10 -7.33
N SER B 202 -10.54 -16.92 -6.83
CA SER B 202 -10.07 -16.66 -5.48
C SER B 202 -11.12 -15.87 -4.71
N ASN B 203 -11.07 -15.76 -3.39
CA ASN B 203 -12.05 -14.94 -2.68
C ASN B 203 -11.87 -13.45 -2.90
N ALA B 204 -10.69 -13.05 -3.37
CA ALA B 204 -10.38 -11.68 -3.73
C ALA B 204 -9.36 -11.63 -4.86
N TYR B 205 -9.32 -10.56 -5.65
CA TYR B 205 -8.29 -10.39 -6.65
C TYR B 205 -6.94 -10.07 -5.99
N SER B 206 -5.91 -10.84 -6.32
CA SER B 206 -4.56 -10.56 -5.83
C SER B 206 -3.77 -9.55 -6.63
N HIS B 207 -3.55 -8.34 -6.14
CA HIS B 207 -2.73 -7.38 -6.86
C HIS B 207 -1.26 -7.77 -6.81
N PHE B 208 -0.87 -8.61 -5.85
CA PHE B 208 0.48 -9.14 -5.72
C PHE B 208 0.46 -10.61 -5.36
N TYR B 209 1.32 -11.42 -5.98
CA TYR B 209 1.42 -12.85 -5.68
C TYR B 209 2.86 -13.23 -5.45
N ASP B 210 3.34 -13.20 -4.22
CA ASP B 210 4.70 -13.65 -3.94
C ASP B 210 4.89 -15.17 -4.05
N GLY B 211 4.91 -15.65 -5.28
CA GLY B 211 5.07 -17.06 -5.56
C GLY B 211 5.15 -17.45 -7.03
N PHE B 212 4.98 -18.73 -7.27
CA PHE B 212 5.05 -19.32 -8.60
C PHE B 212 3.84 -20.19 -8.89
N SER B 213 3.60 -20.51 -10.16
CA SER B 213 2.49 -21.40 -10.50
C SER B 213 2.94 -22.83 -10.67
N LYS B 214 4.21 -23.09 -10.43
CA LYS B 214 4.80 -24.40 -10.63
C LYS B 214 5.87 -24.76 -9.61
N VAL B 215 5.90 -25.99 -9.12
CA VAL B 215 6.98 -26.41 -8.23
C VAL B 215 8.04 -27.10 -9.06
N PRO B 216 9.31 -26.67 -9.03
CA PRO B 216 10.39 -27.39 -9.69
C PRO B 216 10.68 -28.65 -8.88
N LEU B 217 10.51 -29.84 -9.41
CA LEU B 217 10.84 -31.03 -8.66
C LEU B 217 12.21 -31.60 -9.00
N LYS B 218 13.11 -31.85 -8.04
CA LYS B 218 14.45 -32.41 -8.28
C LYS B 218 14.63 -33.49 -9.35
N ASP B 219 13.76 -34.47 -9.15
CA ASP B 219 13.66 -35.66 -9.97
C ASP B 219 13.39 -35.34 -11.43
N GLN B 220 12.50 -34.41 -11.60
CA GLN B 220 12.10 -33.90 -12.89
C GLN B 220 13.13 -32.90 -13.43
N SER B 221 13.18 -32.79 -14.75
CA SER B 221 14.06 -31.84 -15.41
C SER B 221 13.84 -30.36 -15.13
N ALA B 222 14.94 -29.60 -15.04
CA ALA B 222 14.89 -28.14 -14.81
C ALA B 222 13.93 -27.31 -15.67
N ALA B 223 13.99 -27.51 -16.97
CA ALA B 223 13.10 -26.82 -17.90
C ALA B 223 11.63 -27.10 -17.68
N LEU B 224 11.35 -28.32 -17.23
CA LEU B 224 9.98 -28.72 -16.99
C LEU B 224 9.29 -28.06 -15.79
N GLY B 225 10.02 -27.85 -14.70
CA GLY B 225 9.44 -27.22 -13.53
C GLY B 225 9.50 -25.71 -13.49
N ASP B 226 9.93 -25.05 -14.56
CA ASP B 226 10.07 -23.61 -14.55
C ASP B 226 8.85 -22.78 -14.88
N SER B 227 8.73 -21.65 -14.19
CA SER B 227 7.63 -20.70 -14.34
C SER B 227 7.99 -19.27 -13.98
N LEU B 228 7.20 -18.29 -14.40
CA LEU B 228 7.46 -16.88 -14.05
C LEU B 228 7.17 -16.49 -12.61
N TYR B 229 8.01 -15.65 -12.05
CA TYR B 229 7.81 -15.17 -10.70
C TYR B 229 6.67 -14.16 -10.56
N GLY B 230 5.79 -14.45 -9.64
CA GLY B 230 4.67 -13.57 -9.36
C GLY B 230 3.50 -13.77 -10.31
N ALA B 231 3.59 -14.71 -11.22
CA ALA B 231 2.49 -14.97 -12.14
C ALA B 231 1.71 -16.22 -11.76
N ALA B 232 0.40 -16.08 -11.62
CA ALA B 232 -0.46 -17.21 -11.33
C ALA B 232 -0.99 -17.91 -12.57
N SER B 233 -2.22 -17.73 -13.04
CA SER B 233 -2.65 -18.40 -14.29
C SER B 233 -2.07 -17.73 -15.53
N LEU B 234 -1.30 -18.40 -16.40
CA LEU B 234 -0.85 -17.84 -17.70
C LEU B 234 -1.85 -16.96 -18.45
N ASN B 235 -3.13 -17.36 -18.33
CA ASN B 235 -4.23 -16.58 -18.87
C ASN B 235 -5.34 -16.36 -17.83
N ASP B 236 -5.13 -15.45 -16.89
CA ASP B 236 -6.13 -15.13 -15.87
C ASP B 236 -7.60 -14.94 -16.26
N PHE B 237 -7.89 -14.02 -17.17
CA PHE B 237 -9.27 -13.65 -17.51
C PHE B 237 -9.64 -13.67 -18.99
N GLY B 238 -8.81 -14.22 -19.85
CA GLY B 238 -9.13 -14.23 -21.26
C GLY B 238 -8.87 -12.93 -22.02
N ILE B 239 -9.45 -12.88 -23.20
CA ILE B 239 -9.22 -11.76 -24.11
C ILE B 239 -10.46 -11.09 -24.69
N LEU B 240 -10.34 -9.83 -25.07
CA LEU B 240 -11.36 -9.19 -25.89
C LEU B 240 -10.90 -9.26 -27.34
N ALA B 241 -11.78 -9.65 -28.23
CA ALA B 241 -11.49 -9.69 -29.65
C ALA B 241 -12.45 -8.74 -30.36
N VAL B 242 -11.91 -7.75 -31.07
CA VAL B 242 -12.76 -6.77 -31.75
C VAL B 242 -12.58 -6.77 -33.26
N ARG B 243 -13.69 -6.68 -33.98
CA ARG B 243 -13.63 -6.55 -35.43
C ARG B 243 -14.64 -5.57 -36.01
N VAL B 244 -14.39 -5.09 -37.23
CA VAL B 244 -15.39 -4.34 -37.98
C VAL B 244 -16.22 -5.38 -38.72
N VAL B 245 -17.51 -5.49 -38.47
CA VAL B 245 -18.36 -6.49 -39.11
C VAL B 245 -18.59 -6.22 -40.61
N ASN B 246 -18.57 -4.95 -41.01
CA ASN B 246 -18.75 -4.59 -42.41
C ASN B 246 -17.71 -5.20 -43.36
N ASP B 247 -18.12 -5.61 -44.55
CA ASP B 247 -17.18 -6.11 -45.53
C ASP B 247 -16.25 -5.05 -46.07
N HIS B 248 -15.08 -5.50 -46.50
CA HIS B 248 -14.07 -4.67 -47.17
C HIS B 248 -14.63 -3.59 -48.07
N ASN B 249 -14.25 -2.38 -47.77
CA ASN B 249 -14.73 -1.21 -48.49
C ASN B 249 -13.60 -0.64 -49.37
N PRO B 250 -13.79 -0.13 -50.60
CA PRO B 250 -12.72 0.30 -51.48
C PRO B 250 -11.80 1.34 -50.84
N THR B 251 -12.39 2.27 -50.09
CA THR B 251 -11.61 3.20 -49.28
C THR B 251 -11.38 2.62 -47.90
N LYS B 252 -10.13 2.46 -47.50
CA LYS B 252 -9.80 1.99 -46.15
C LYS B 252 -10.07 2.97 -44.99
N VAL B 253 -10.72 2.41 -43.97
CA VAL B 253 -11.00 3.10 -42.72
C VAL B 253 -10.31 2.42 -41.54
N THR B 254 -9.63 3.19 -40.72
CA THR B 254 -8.99 2.64 -39.52
C THR B 254 -9.78 3.08 -38.30
N SER B 255 -9.93 2.20 -37.31
CA SER B 255 -10.68 2.55 -36.10
C SER B 255 -10.01 2.15 -34.82
N LYS B 256 -10.22 2.97 -33.81
CA LYS B 256 -9.74 2.71 -32.47
C LYS B 256 -10.79 2.57 -31.40
N ILE B 257 -10.61 1.56 -30.56
CA ILE B 257 -11.51 1.31 -29.44
C ILE B 257 -10.81 1.57 -28.13
N ARG B 258 -11.19 2.63 -27.46
CA ARG B 258 -10.67 2.94 -26.13
C ARG B 258 -11.52 2.33 -25.03
N VAL B 259 -10.88 1.53 -24.19
CA VAL B 259 -11.60 0.85 -23.10
C VAL B 259 -11.42 1.49 -21.73
N TYR B 260 -12.53 1.91 -21.18
CA TYR B 260 -12.56 2.54 -19.84
C TYR B 260 -13.07 1.60 -18.77
N LEU B 261 -12.30 1.44 -17.70
CA LEU B 261 -12.64 0.54 -16.62
C LEU B 261 -12.95 1.25 -15.32
N LYS B 262 -14.09 0.92 -14.72
CA LYS B 262 -14.44 1.47 -13.42
C LYS B 262 -14.77 0.38 -12.40
N PRO B 263 -14.06 0.30 -11.28
CA PRO B 263 -14.33 -0.66 -10.24
C PRO B 263 -15.53 -0.28 -9.39
N LYS B 264 -16.73 -0.79 -9.60
CA LYS B 264 -17.81 -0.45 -8.67
C LYS B 264 -18.11 -1.51 -7.62
N HIS B 265 -18.75 -1.14 -6.49
CA HIS B 265 -19.06 -2.07 -5.36
C HIS B 265 -17.79 -2.74 -4.78
N ILE B 266 -16.73 -1.94 -4.73
CA ILE B 266 -15.40 -2.32 -4.29
C ILE B 266 -15.03 -2.37 -2.81
N ARG B 267 -14.24 -3.39 -2.50
CA ARG B 267 -13.64 -3.62 -1.19
C ARG B 267 -12.15 -3.91 -1.33
N VAL B 268 -11.33 -3.35 -0.44
CA VAL B 268 -9.88 -3.55 -0.49
C VAL B 268 -9.26 -3.94 0.83
N TRP B 269 -8.21 -4.73 0.76
CA TRP B 269 -7.48 -5.19 1.95
C TRP B 269 -5.98 -4.98 1.85
N CYS B 270 -5.36 -4.90 3.01
CA CYS B 270 -3.91 -4.74 3.25
C CYS B 270 -3.21 -3.60 2.51
N PRO B 271 -3.21 -2.40 3.09
CA PRO B 271 -2.62 -1.20 2.49
C PRO B 271 -1.13 -1.34 2.20
N ARG B 272 -0.66 -0.65 1.17
CA ARG B 272 0.72 -0.72 0.72
C ARG B 272 1.25 0.66 0.34
N PRO B 273 2.54 0.96 0.46
CA PRO B 273 3.14 2.12 -0.16
C PRO B 273 2.94 2.23 -1.65
N PRO B 274 2.62 3.43 -2.17
CA PRO B 274 2.47 3.67 -3.60
C PRO B 274 3.74 3.48 -4.43
N ARG B 275 3.61 3.20 -5.70
CA ARG B 275 4.74 3.05 -6.61
C ARG B 275 5.52 4.36 -6.71
N ALA B 276 6.81 4.33 -6.36
CA ALA B 276 7.61 5.53 -6.38
C ALA B 276 8.51 5.71 -7.59
N VAL B 277 8.81 4.62 -8.26
CA VAL B 277 9.60 4.65 -9.47
C VAL B 277 8.77 4.14 -10.64
N ALA B 278 9.13 4.46 -11.88
CA ALA B 278 8.37 4.00 -13.03
C ALA B 278 8.10 2.50 -13.12
N TYR B 279 6.89 2.13 -13.48
CA TYR B 279 6.60 0.73 -13.73
C TYR B 279 7.43 0.16 -14.88
N TYR B 280 7.91 -1.05 -14.72
CA TYR B 280 8.64 -1.74 -15.77
C TYR B 280 8.11 -3.17 -15.90
N GLY B 281 7.04 -3.26 -16.66
CA GLY B 281 6.41 -4.56 -16.90
C GLY B 281 5.27 -4.94 -15.94
N PRO B 282 4.71 -6.15 -16.03
CA PRO B 282 3.56 -6.58 -15.23
C PRO B 282 3.89 -6.85 -13.77
N GLY B 283 5.15 -6.96 -13.43
CA GLY B 283 5.56 -7.25 -12.06
C GLY B 283 6.04 -6.04 -11.29
N VAL B 284 6.77 -6.25 -10.19
CA VAL B 284 7.27 -5.13 -9.40
C VAL B 284 8.65 -4.61 -9.84
N ASP B 285 9.16 -5.14 -10.95
CA ASP B 285 10.49 -4.80 -11.40
C ASP B 285 10.75 -3.36 -11.78
N TYR B 286 11.89 -2.90 -11.37
CA TYR B 286 12.32 -1.57 -11.73
C TYR B 286 13.54 -1.61 -12.62
N LYS B 287 13.65 -0.57 -13.40
CA LYS B 287 14.73 -0.45 -14.35
C LYS B 287 15.80 0.59 -14.04
N ASP B 288 17.04 0.23 -14.34
CA ASP B 288 18.14 1.17 -14.17
C ASP B 288 17.96 2.53 -14.83
N GLY B 289 18.42 3.58 -14.17
CA GLY B 289 18.22 4.93 -14.66
C GLY B 289 16.89 5.55 -14.25
N THR B 290 15.94 4.80 -13.70
CA THR B 290 14.67 5.37 -13.25
C THR B 290 14.49 5.38 -11.73
N LEU B 291 15.54 5.06 -11.00
CA LEU B 291 15.45 4.87 -9.56
C LEU B 291 15.68 6.06 -8.64
N THR B 292 15.75 7.27 -9.12
CA THR B 292 16.01 8.40 -8.23
C THR B 292 14.91 9.46 -8.20
N PRO B 293 13.74 9.19 -7.65
CA PRO B 293 12.57 10.04 -7.79
C PRO B 293 12.70 11.38 -7.07
N LEU B 294 13.14 11.37 -5.82
CA LEU B 294 13.24 12.57 -5.03
C LEU B 294 14.28 13.59 -5.49
N SER B 295 13.94 14.86 -5.40
CA SER B 295 14.81 15.93 -5.81
C SER B 295 15.62 16.63 -4.72
N THR B 296 16.59 17.46 -5.09
CA THR B 296 17.39 18.19 -4.11
C THR B 296 16.66 19.25 -3.33
N LYS B 297 16.87 19.23 -2.02
CA LYS B 297 16.34 20.22 -1.09
C LYS B 297 17.18 20.20 0.19
N ASP B 298 17.71 21.32 0.68
CA ASP B 298 18.52 21.29 1.88
C ASP B 298 17.82 21.24 3.22
N LEU B 299 18.37 20.47 4.14
CA LEU B 299 17.84 20.30 5.49
C LEU B 299 17.36 21.54 6.23
N THR B 300 18.04 22.66 6.07
CA THR B 300 17.66 23.91 6.70
C THR B 300 17.12 24.97 5.76
N THR B 301 16.52 24.53 4.67
CA THR B 301 15.89 25.45 3.71
C THR B 301 14.40 25.23 3.68
N TYR B 302 13.63 26.27 3.93
CA TYR B 302 12.17 26.14 3.86
C TYR B 302 11.71 25.92 2.44
N CYS C 7 2.23 -4.32 41.97
CA CYS C 7 2.70 -5.71 41.96
C CYS C 7 3.90 -6.01 41.03
N GLY C 8 4.30 -5.10 40.13
CA GLY C 8 5.49 -5.27 39.30
C GLY C 8 5.38 -5.53 37.79
N TYR C 9 4.26 -5.96 37.22
CA TYR C 9 4.15 -6.30 35.80
C TYR C 9 4.37 -5.19 34.77
N SER C 10 4.95 -5.46 33.58
CA SER C 10 5.36 -4.41 32.64
C SER C 10 5.39 -4.69 31.14
N ASP C 11 5.16 -3.67 30.33
CA ASP C 11 5.24 -3.68 28.86
C ASP C 11 6.53 -4.21 28.23
N ARG C 12 7.57 -4.02 29.02
CA ARG C 12 8.93 -4.39 28.68
C ARG C 12 9.33 -5.80 29.04
N VAL C 13 8.69 -6.37 30.04
CA VAL C 13 9.06 -7.70 30.49
C VAL C 13 8.01 -8.74 30.12
N LEU C 14 8.35 -9.57 29.15
CA LEU C 14 7.43 -10.59 28.67
C LEU C 14 7.95 -12.01 28.69
N GLN C 15 7.03 -12.96 28.82
CA GLN C 15 7.33 -14.36 28.63
C GLN C 15 6.37 -14.97 27.60
N LEU C 16 6.89 -15.63 26.58
CA LEU C 16 6.04 -16.28 25.58
C LEU C 16 6.27 -17.79 25.65
N THR C 17 5.21 -18.59 25.64
CA THR C 17 5.37 -20.05 25.61
C THR C 17 4.51 -20.74 24.59
N LEU C 18 5.16 -21.50 23.71
CA LEU C 18 4.49 -22.31 22.71
C LEU C 18 5.10 -23.71 22.70
N GLY C 19 4.31 -24.75 22.95
CA GLY C 19 4.81 -26.11 22.98
C GLY C 19 5.93 -26.33 23.97
N ASN C 20 7.08 -26.90 23.60
CA ASN C 20 8.17 -27.08 24.56
C ASN C 20 9.10 -25.89 24.63
N SER C 21 8.68 -24.74 24.11
CA SER C 21 9.55 -23.56 24.08
C SER C 21 9.04 -22.29 24.72
N THR C 22 9.94 -21.69 25.48
CA THR C 22 9.71 -20.44 26.16
C THR C 22 10.74 -19.37 25.87
N ILE C 23 10.26 -18.16 25.58
CA ILE C 23 11.10 -16.99 25.38
C ILE C 23 10.88 -15.99 26.50
N THR C 24 11.93 -15.45 27.09
CA THR C 24 11.79 -14.37 28.06
C THR C 24 12.44 -13.11 27.53
N THR C 25 11.89 -11.95 27.85
CA THR C 25 12.55 -10.70 27.53
C THR C 25 12.28 -9.67 28.61
N GLN C 26 13.36 -9.04 29.03
CA GLN C 26 13.32 -7.97 30.02
C GLN C 26 13.33 -6.58 29.41
N GLU C 27 13.45 -6.47 28.08
CA GLU C 27 13.49 -5.18 27.38
C GLU C 27 12.70 -5.06 26.07
N ALA C 28 11.42 -5.39 26.16
CA ALA C 28 10.49 -5.27 25.04
C ALA C 28 9.83 -3.92 24.86
N ALA C 29 9.29 -3.63 23.69
CA ALA C 29 8.53 -2.38 23.48
C ALA C 29 7.12 -2.79 23.10
N ASN C 30 6.50 -3.55 24.03
CA ASN C 30 5.18 -4.16 23.83
C ASN C 30 5.22 -5.15 22.68
N SER C 31 4.14 -5.63 22.11
CA SER C 31 4.20 -6.50 20.94
C SER C 31 3.09 -6.20 19.95
N VAL C 32 3.29 -6.49 18.66
CA VAL C 32 2.30 -6.15 17.65
C VAL C 32 1.46 -7.30 17.14
N VAL C 33 0.15 -7.15 17.06
CA VAL C 33 -0.69 -8.16 16.42
C VAL C 33 -1.12 -7.58 15.07
N ALA C 34 -0.56 -8.12 14.00
CA ALA C 34 -0.81 -7.60 12.66
C ALA C 34 -2.27 -7.46 12.27
N TYR C 35 -2.61 -6.24 11.87
CA TYR C 35 -3.97 -5.89 11.46
C TYR C 35 -5.02 -6.16 12.52
N GLY C 36 -4.57 -6.26 13.78
CA GLY C 36 -5.42 -6.58 14.90
C GLY C 36 -6.00 -8.00 14.90
N ARG C 37 -5.49 -8.89 14.09
CA ARG C 37 -6.00 -10.26 14.01
C ARG C 37 -5.11 -11.35 14.56
N TRP C 38 -5.54 -11.99 15.64
CA TRP C 38 -4.78 -13.14 16.17
C TRP C 38 -4.90 -14.34 15.22
N PRO C 39 -3.90 -15.19 15.00
CA PRO C 39 -4.08 -16.43 14.26
C PRO C 39 -5.20 -17.36 14.69
N GLU C 40 -5.84 -17.97 13.72
CA GLU C 40 -6.94 -18.90 13.94
C GLU C 40 -7.00 -20.04 12.92
N TYR C 41 -7.56 -21.17 13.30
CA TYR C 41 -7.80 -22.25 12.36
C TYR C 41 -8.92 -21.93 11.35
N LEU C 42 -8.91 -22.55 10.17
CA LEU C 42 -9.96 -22.34 9.21
C LEU C 42 -11.38 -22.78 9.59
N ARG C 43 -12.25 -21.80 9.65
CA ARG C 43 -13.67 -22.00 9.89
C ARG C 43 -14.45 -22.73 8.82
N ASP C 44 -15.40 -23.60 9.20
CA ASP C 44 -16.25 -24.31 8.25
C ASP C 44 -16.97 -23.46 7.21
N SER C 45 -17.38 -22.26 7.58
CA SER C 45 -18.02 -21.32 6.64
C SER C 45 -17.12 -20.76 5.58
N GLU C 46 -15.81 -20.81 5.80
CA GLU C 46 -14.81 -20.36 4.85
C GLU C 46 -13.94 -21.51 4.31
N ALA C 47 -14.20 -22.72 4.77
CA ALA C 47 -13.50 -23.90 4.29
C ALA C 47 -13.63 -24.20 2.80
N ASN C 48 -12.65 -24.84 2.18
CA ASN C 48 -12.73 -25.21 0.77
C ASN C 48 -12.31 -26.65 0.46
N PRO C 49 -11.12 -27.21 0.73
CA PRO C 49 -10.85 -28.63 0.55
C PRO C 49 -11.71 -29.46 1.50
N VAL C 50 -12.41 -30.49 1.07
CA VAL C 50 -13.30 -31.25 1.96
C VAL C 50 -12.72 -32.33 2.86
N ASP C 51 -11.46 -32.70 2.66
CA ASP C 51 -10.84 -33.75 3.46
C ASP C 51 -10.42 -33.33 4.87
N GLN C 52 -10.51 -34.24 5.83
CA GLN C 52 -10.07 -34.04 7.22
C GLN C 52 -8.67 -33.45 7.27
N PRO C 53 -8.46 -32.22 7.77
CA PRO C 53 -7.14 -31.63 7.84
C PRO C 53 -6.19 -32.26 8.83
N THR C 54 -4.90 -32.11 8.57
CA THR C 54 -3.86 -32.48 9.52
C THR C 54 -3.56 -31.23 10.33
N GLU C 55 -3.61 -31.32 11.65
CA GLU C 55 -3.24 -30.22 12.52
C GLU C 55 -2.14 -30.64 13.49
N PRO C 56 -0.86 -30.43 13.23
CA PRO C 56 0.24 -30.92 14.05
C PRO C 56 0.33 -30.41 15.49
N ASP C 57 -0.34 -29.29 15.78
CA ASP C 57 -0.30 -28.64 17.09
C ASP C 57 1.09 -28.51 17.73
N VAL C 58 1.40 -28.91 18.97
CA VAL C 58 2.72 -28.72 19.61
C VAL C 58 3.96 -29.20 18.85
N ALA C 59 3.82 -30.19 17.97
CA ALA C 59 4.96 -30.67 17.19
C ALA C 59 5.49 -29.68 16.16
N ALA C 60 4.60 -28.85 15.63
CA ALA C 60 4.99 -27.83 14.67
C ALA C 60 4.80 -26.40 15.17
N CYS C 61 3.78 -26.11 15.97
CA CYS C 61 3.55 -24.77 16.51
C CYS C 61 4.38 -24.51 17.75
N ARG C 62 5.65 -24.28 17.51
CA ARG C 62 6.66 -24.06 18.54
C ARG C 62 7.77 -23.12 18.05
N PHE C 63 8.70 -22.67 18.88
CA PHE C 63 9.73 -21.75 18.41
C PHE C 63 10.98 -22.30 17.76
N TYR C 64 11.03 -22.19 16.44
CA TYR C 64 12.23 -22.55 15.69
C TYR C 64 13.19 -21.35 15.57
N THR C 65 14.44 -21.50 15.97
CA THR C 65 15.44 -20.43 15.86
C THR C 65 16.31 -20.56 14.61
N LEU C 66 16.26 -19.56 13.74
CA LEU C 66 17.05 -19.61 12.51
C LEU C 66 18.48 -19.11 12.67
N ASP C 67 19.36 -19.30 11.69
CA ASP C 67 20.75 -18.82 11.81
C ASP C 67 20.94 -17.34 12.09
N THR C 68 21.73 -17.05 13.11
CA THR C 68 22.07 -15.68 13.52
C THR C 68 22.82 -14.88 12.45
N VAL C 69 22.36 -13.68 12.12
CA VAL C 69 23.09 -12.84 11.20
C VAL C 69 23.87 -11.75 11.94
N SER C 70 24.74 -11.03 11.27
CA SER C 70 25.56 -10.01 11.92
C SER C 70 25.40 -8.58 11.43
N TRP C 71 25.02 -7.67 12.32
CA TRP C 71 24.85 -6.26 11.98
C TRP C 71 26.11 -5.45 12.17
N THR C 72 26.51 -4.79 11.10
CA THR C 72 27.73 -3.96 11.08
C THR C 72 27.47 -2.61 10.43
N LYS C 73 28.37 -1.63 10.51
CA LYS C 73 28.19 -0.34 9.82
C LYS C 73 27.99 -0.49 8.31
N GLU C 74 28.38 -1.59 7.68
CA GLU C 74 28.14 -1.81 6.26
C GLU C 74 26.78 -2.40 5.90
N SER C 75 26.09 -2.99 6.86
CA SER C 75 24.84 -3.68 6.62
C SER C 75 23.70 -2.89 5.99
N ARG C 76 23.29 -3.20 4.79
CA ARG C 76 22.16 -2.53 4.17
C ARG C 76 20.78 -3.10 4.50
N GLY C 77 20.69 -4.36 4.92
CA GLY C 77 19.40 -4.94 5.29
C GLY C 77 19.23 -6.44 5.01
N TRP C 78 18.27 -7.09 5.68
CA TRP C 78 18.03 -8.52 5.52
C TRP C 78 16.57 -8.86 5.25
N TRP C 79 16.28 -9.92 4.52
CA TRP C 79 14.90 -10.35 4.29
C TRP C 79 14.70 -11.85 4.31
N TRP C 80 13.52 -12.27 4.70
CA TRP C 80 13.11 -13.68 4.73
C TRP C 80 11.68 -13.85 4.24
N LYS C 81 11.30 -14.99 3.71
CA LYS C 81 9.91 -15.22 3.31
C LYS C 81 9.28 -16.34 4.13
N LEU C 82 8.00 -16.27 4.41
CA LEU C 82 7.30 -17.31 5.15
C LEU C 82 6.21 -17.95 4.32
N PRO C 83 6.01 -19.28 4.35
CA PRO C 83 6.75 -20.23 5.15
C PRO C 83 8.15 -20.66 4.72
N ASP C 84 8.69 -20.22 3.61
CA ASP C 84 10.01 -20.65 3.16
C ASP C 84 11.15 -20.77 4.18
N ALA C 85 11.38 -19.75 5.01
CA ALA C 85 12.40 -19.82 6.05
C ALA C 85 12.28 -21.00 6.99
N LEU C 86 11.03 -21.49 7.21
CA LEU C 86 10.75 -22.64 8.05
C LEU C 86 10.67 -23.98 7.33
N ARG C 87 10.84 -24.05 6.02
CA ARG C 87 10.76 -25.29 5.24
C ARG C 87 11.57 -26.49 5.73
N ASP C 88 12.73 -26.25 6.34
CA ASP C 88 13.53 -27.34 6.89
C ASP C 88 13.46 -27.47 8.39
N MET C 89 12.47 -26.83 9.03
CA MET C 89 12.35 -26.86 10.47
C MET C 89 11.44 -27.95 11.05
N GLY C 90 12.08 -28.98 11.60
CA GLY C 90 11.43 -30.09 12.30
C GLY C 90 10.17 -30.67 11.67
N LEU C 91 9.16 -30.96 12.48
CA LEU C 91 7.93 -31.53 11.95
C LEU C 91 7.04 -30.55 11.20
N PHE C 92 7.31 -29.25 11.28
CA PHE C 92 6.59 -28.25 10.49
C PHE C 92 6.90 -28.45 9.02
N GLY C 93 8.19 -28.43 8.68
CA GLY C 93 8.65 -28.64 7.31
C GLY C 93 8.15 -29.95 6.70
N GLN C 94 8.24 -31.02 7.50
CA GLN C 94 7.74 -32.32 7.09
C GLN C 94 6.25 -32.31 6.74
N ASN C 95 5.45 -31.70 7.61
CA ASN C 95 4.03 -31.56 7.32
C ASN C 95 3.74 -30.70 6.10
N MET C 96 4.52 -29.65 5.92
CA MET C 96 4.42 -28.79 4.76
C MET C 96 4.67 -29.55 3.47
N TYR C 97 5.80 -30.24 3.37
CA TYR C 97 6.12 -30.99 2.16
C TYR C 97 5.33 -32.27 1.89
N TYR C 98 4.61 -32.84 2.87
CA TYR C 98 3.74 -33.99 2.59
C TYR C 98 2.31 -33.66 2.13
N HIS C 99 1.90 -32.41 2.21
CA HIS C 99 0.54 -32.05 1.83
C HIS C 99 0.52 -31.02 0.71
N TYR C 100 -0.44 -31.10 -0.20
CA TYR C 100 -0.62 -30.11 -1.26
C TYR C 100 -0.96 -28.71 -0.72
N LEU C 101 -1.80 -28.68 0.30
CA LEU C 101 -2.25 -27.42 0.86
C LEU C 101 -1.89 -27.22 2.31
N GLY C 102 -1.65 -25.97 2.66
CA GLY C 102 -1.35 -25.63 4.04
C GLY C 102 -1.57 -24.16 4.35
N ARG C 103 -2.02 -23.89 5.57
CA ARG C 103 -2.12 -22.52 6.04
C ARG C 103 -1.51 -22.41 7.41
N SER C 104 -0.96 -21.24 7.72
CA SER C 104 -0.30 -21.01 9.00
C SER C 104 -0.11 -19.55 9.32
N GLY C 105 -0.25 -19.26 10.60
CA GLY C 105 0.05 -17.95 11.17
C GLY C 105 1.43 -18.02 11.82
N TYR C 106 2.00 -16.92 12.31
CA TYR C 106 3.35 -16.97 12.90
C TYR C 106 3.57 -16.04 14.08
N THR C 107 4.37 -16.40 15.07
CA THR C 107 4.87 -15.40 16.00
C THR C 107 6.33 -15.18 15.63
N VAL C 108 6.65 -13.99 15.13
CA VAL C 108 8.01 -13.62 14.79
C VAL C 108 8.70 -12.87 15.94
N HIS C 109 9.79 -13.41 16.45
CA HIS C 109 10.53 -12.71 17.51
C HIS C 109 11.97 -12.39 17.13
N VAL C 110 12.21 -11.14 16.77
CA VAL C 110 13.55 -10.69 16.40
C VAL C 110 14.36 -10.27 17.63
N GLN C 111 15.54 -10.83 17.80
CA GLN C 111 16.43 -10.59 18.95
C GLN C 111 17.72 -9.84 18.63
N CYS C 112 17.97 -8.70 19.27
CA CYS C 112 19.18 -7.92 19.06
C CYS C 112 19.56 -7.03 20.24
N ASN C 113 20.34 -7.55 21.19
CA ASN C 113 20.83 -6.73 22.29
C ASN C 113 22.18 -6.10 22.05
N ALA C 114 22.48 -5.03 22.77
CA ALA C 114 23.78 -4.37 22.68
C ALA C 114 24.23 -3.77 24.01
N SER C 115 24.33 -2.46 24.19
CA SER C 115 24.72 -1.89 25.49
C SER C 115 24.33 -0.44 25.55
N LYS C 116 24.21 0.15 26.73
CA LYS C 116 23.84 1.56 26.92
C LYS C 116 24.70 2.58 26.16
N PHE C 117 25.83 2.14 25.66
CA PHE C 117 26.74 2.97 24.88
C PHE C 117 26.73 2.70 23.37
N HIS C 118 25.89 1.78 22.89
CA HIS C 118 25.74 1.56 21.45
C HIS C 118 24.55 2.35 20.91
N GLN C 119 24.50 2.53 19.59
CA GLN C 119 23.43 3.26 18.92
C GLN C 119 22.98 2.52 17.68
N GLY C 120 21.74 2.80 17.29
CA GLY C 120 21.20 2.20 16.10
C GLY C 120 19.77 1.78 16.23
N ALA C 121 19.10 1.77 15.09
CA ALA C 121 17.70 1.40 15.05
C ALA C 121 17.38 0.54 13.84
N LEU C 122 16.82 -0.61 14.17
CA LEU C 122 16.34 -1.56 13.16
C LEU C 122 14.83 -1.48 12.90
N GLY C 123 14.46 -1.29 11.66
CA GLY C 123 13.05 -1.36 11.27
C GLY C 123 12.66 -2.80 10.92
N VAL C 124 11.77 -3.41 11.69
CA VAL C 124 11.30 -4.76 11.42
C VAL C 124 9.89 -4.76 10.81
N PHE C 125 9.82 -5.09 9.53
CA PHE C 125 8.57 -5.05 8.78
C PHE C 125 7.98 -6.38 8.33
N ALA C 126 6.71 -6.64 8.63
CA ALA C 126 6.03 -7.83 8.15
C ALA C 126 5.14 -7.46 6.96
N VAL C 127 5.57 -7.83 5.77
CA VAL C 127 4.89 -7.46 4.53
C VAL C 127 4.04 -8.58 3.88
N PRO C 128 2.70 -8.45 3.75
CA PRO C 128 1.86 -9.43 3.07
C PRO C 128 2.25 -9.47 1.60
N GLU C 129 2.38 -10.62 0.95
CA GLU C 129 2.78 -10.72 -0.45
C GLU C 129 4.02 -9.89 -0.88
N MET C 130 5.15 -10.05 -0.16
CA MET C 130 6.36 -9.27 -0.46
C MET C 130 7.12 -9.67 -1.72
N CYS C 131 6.52 -9.33 -2.85
CA CYS C 131 7.16 -9.53 -4.15
C CYS C 131 8.37 -8.62 -4.31
N LEU C 132 9.55 -9.18 -4.52
CA LEU C 132 10.74 -8.37 -4.78
C LEU C 132 11.15 -8.20 -6.23
N ALA C 133 11.86 -7.11 -6.54
CA ALA C 133 12.38 -6.86 -7.87
C ALA C 133 13.59 -7.67 -8.28
N GLY C 134 13.62 -8.07 -9.53
CA GLY C 134 14.72 -8.86 -10.05
C GLY C 134 15.93 -8.08 -10.55
N ASP C 135 16.98 -8.80 -10.89
CA ASP C 135 18.22 -8.24 -11.38
C ASP C 135 18.27 -7.90 -12.87
N SER C 136 17.23 -8.14 -13.65
CA SER C 136 17.30 -7.89 -15.09
C SER C 136 16.56 -6.71 -15.68
N ASN C 137 17.29 -6.04 -16.57
CA ASN C 137 16.75 -4.95 -17.37
C ASN C 137 16.45 -5.35 -18.81
N THR C 138 16.56 -6.61 -19.18
CA THR C 138 16.26 -7.07 -20.54
C THR C 138 15.00 -7.93 -20.58
N THR C 139 14.72 -8.53 -19.46
CA THR C 139 13.57 -9.41 -19.26
C THR C 139 12.92 -9.12 -17.90
N THR C 140 11.68 -9.51 -17.65
CA THR C 140 11.01 -9.22 -16.39
C THR C 140 10.41 -10.45 -15.75
N MET C 141 10.02 -10.39 -14.47
CA MET C 141 9.43 -11.52 -13.73
C MET C 141 10.14 -12.87 -13.84
N HIS C 142 11.46 -12.76 -13.93
CA HIS C 142 12.31 -13.91 -14.21
C HIS C 142 13.19 -14.50 -13.10
N THR C 143 12.99 -14.13 -11.83
CA THR C 143 13.80 -14.69 -10.74
C THR C 143 13.47 -16.15 -10.58
N SER C 144 14.46 -17.04 -10.57
CA SER C 144 14.19 -18.47 -10.41
C SER C 144 13.63 -18.84 -9.04
N TYR C 145 12.87 -19.94 -8.94
CA TYR C 145 12.37 -20.45 -7.67
C TYR C 145 13.45 -20.65 -6.62
N GLN C 146 14.60 -21.13 -7.06
CA GLN C 146 15.76 -21.37 -6.20
C GLN C 146 16.28 -20.07 -5.62
N ASN C 147 16.38 -19.03 -6.46
CA ASN C 147 16.81 -17.74 -5.98
C ASN C 147 15.79 -16.94 -5.19
N ALA C 148 14.51 -17.18 -5.47
CA ALA C 148 13.42 -16.53 -4.75
C ALA C 148 13.20 -17.10 -3.34
N ASN C 149 13.60 -18.34 -3.17
CA ASN C 149 13.45 -19.04 -1.90
C ASN C 149 14.75 -19.42 -1.21
N PRO C 150 15.40 -18.54 -0.44
CA PRO C 150 16.66 -18.81 0.22
C PRO C 150 16.54 -19.78 1.39
N GLY C 151 15.33 -20.13 1.80
CA GLY C 151 15.15 -20.87 3.05
C GLY C 151 15.60 -20.06 4.28
N GLU C 152 15.92 -20.75 5.35
CA GLU C 152 16.38 -20.18 6.62
C GLU C 152 17.38 -19.01 6.58
N LYS C 153 18.28 -19.10 5.64
CA LYS C 153 19.35 -18.14 5.46
C LYS C 153 18.93 -16.74 5.03
N GLY C 154 17.79 -16.67 4.37
CA GLY C 154 17.29 -15.41 3.87
C GLY C 154 18.16 -14.76 2.80
N GLY C 155 17.85 -13.52 2.53
CA GLY C 155 18.59 -12.74 1.57
C GLY C 155 18.93 -11.36 2.13
N THR C 156 19.60 -10.55 1.36
CA THR C 156 19.94 -9.21 1.81
C THR C 156 19.51 -8.11 0.89
N PHE C 157 19.44 -6.91 1.40
CA PHE C 157 19.18 -5.74 0.57
C PHE C 157 20.47 -5.08 0.14
N THR C 158 20.45 -4.46 -1.01
CA THR C 158 21.59 -3.72 -1.53
C THR C 158 21.31 -2.22 -1.54
N GLY C 159 22.29 -1.37 -1.35
CA GLY C 159 22.09 0.07 -1.50
C GLY C 159 22.14 0.52 -2.97
N THR C 160 22.43 -0.37 -3.89
CA THR C 160 22.60 -0.05 -5.30
C THR C 160 22.07 -1.07 -6.30
N PHE C 161 21.26 -0.63 -7.26
CA PHE C 161 20.78 -1.55 -8.28
C PHE C 161 21.81 -1.79 -9.34
N THR C 162 22.25 -3.02 -9.38
CA THR C 162 23.24 -3.39 -10.37
C THR C 162 22.76 -4.50 -11.32
N PRO C 163 22.39 -4.17 -12.56
CA PRO C 163 21.73 -5.07 -13.49
C PRO C 163 22.54 -6.26 -13.95
N ASP C 164 21.97 -7.45 -14.00
CA ASP C 164 22.63 -8.61 -14.55
C ASP C 164 22.83 -8.53 -16.05
N ASN C 165 24.08 -8.30 -16.41
CA ASN C 165 24.46 -8.23 -17.80
C ASN C 165 24.65 -9.50 -18.62
N ASN C 166 24.91 -10.63 -17.97
CA ASN C 166 25.12 -11.91 -18.65
C ASN C 166 23.90 -12.49 -19.37
N GLN C 167 23.48 -11.90 -20.50
CA GLN C 167 22.35 -12.39 -21.30
C GLN C 167 22.39 -13.85 -21.75
N THR C 168 23.60 -14.43 -21.75
CA THR C 168 23.77 -15.82 -22.15
C THR C 168 23.53 -16.85 -21.05
N SER C 169 23.85 -16.49 -19.82
CA SER C 169 23.59 -17.34 -18.65
C SER C 169 23.09 -16.49 -17.50
N PRO C 170 21.81 -16.11 -17.53
CA PRO C 170 21.25 -15.17 -16.61
C PRO C 170 21.31 -15.59 -15.14
N ALA C 171 21.81 -14.71 -14.30
CA ALA C 171 21.84 -14.95 -12.85
C ALA C 171 20.49 -15.29 -12.20
N ARG C 172 19.43 -14.81 -12.85
CA ARG C 172 18.05 -15.04 -12.45
C ARG C 172 17.68 -14.89 -10.98
N ARG C 173 18.14 -13.80 -10.42
CA ARG C 173 17.86 -13.49 -9.05
C ARG C 173 17.37 -12.09 -8.73
N PHE C 174 16.99 -11.85 -7.46
CA PHE C 174 16.54 -10.54 -7.04
C PHE C 174 17.63 -9.51 -6.91
N CYS C 175 17.30 -8.23 -7.09
CA CYS C 175 18.26 -7.19 -6.78
C CYS C 175 17.57 -6.14 -5.92
N PRO C 176 17.27 -6.42 -4.65
CA PRO C 176 16.43 -5.56 -3.82
C PRO C 176 17.10 -4.33 -3.25
N VAL C 177 16.81 -3.17 -3.82
CA VAL C 177 17.42 -1.91 -3.36
C VAL C 177 16.74 -1.40 -2.10
N ASP C 178 17.49 -1.27 -1.02
CA ASP C 178 16.96 -0.85 0.27
C ASP C 178 16.01 0.35 0.34
N TYR C 179 16.31 1.55 -0.16
CA TYR C 179 15.37 2.66 -0.03
C TYR C 179 14.10 2.53 -0.87
N LEU C 180 14.12 1.53 -1.76
CA LEU C 180 12.94 1.21 -2.54
C LEU C 180 12.24 -0.06 -2.09
N LEU C 181 12.53 -0.47 -0.86
CA LEU C 181 12.03 -1.68 -0.20
C LEU C 181 12.11 -2.94 -1.06
N GLY C 182 13.12 -2.90 -1.93
CA GLY C 182 13.34 -3.93 -2.92
C GLY C 182 12.18 -4.12 -3.88
N ASN C 183 11.20 -3.22 -3.97
CA ASN C 183 10.03 -3.43 -4.82
C ASN C 183 9.45 -2.19 -5.51
N GLY C 184 10.21 -1.11 -5.59
CA GLY C 184 9.74 0.06 -6.33
C GLY C 184 8.94 1.08 -5.52
N THR C 185 8.91 0.93 -4.20
CA THR C 185 8.18 1.87 -3.35
C THR C 185 9.10 2.46 -2.28
N LEU C 186 8.89 3.64 -1.71
CA LEU C 186 9.86 4.17 -0.75
C LEU C 186 9.81 3.66 0.67
N LEU C 187 10.97 3.24 1.21
CA LEU C 187 11.05 2.68 2.56
C LEU C 187 10.36 3.46 3.67
N GLY C 188 10.41 4.78 3.66
CA GLY C 188 9.74 5.60 4.66
C GLY C 188 8.24 5.33 4.81
N ASN C 189 7.62 4.76 3.78
CA ASN C 189 6.22 4.40 3.86
C ASN C 189 5.96 2.95 4.29
N ALA C 190 7.02 2.14 4.42
CA ALA C 190 6.87 0.75 4.84
C ALA C 190 6.21 0.57 6.20
N PHE C 191 6.15 1.67 6.97
CA PHE C 191 5.46 1.71 8.24
C PHE C 191 3.95 1.48 8.15
N VAL C 192 3.31 1.60 6.98
CA VAL C 192 1.91 1.19 6.86
C VAL C 192 1.77 -0.34 6.96
N PHE C 193 2.88 -1.06 6.85
CA PHE C 193 2.90 -2.49 7.13
C PHE C 193 3.06 -2.78 8.61
N PRO C 194 2.50 -3.87 9.17
CA PRO C 194 2.73 -4.27 10.55
C PRO C 194 4.21 -4.32 10.90
N HIS C 195 4.61 -3.57 11.91
CA HIS C 195 6.02 -3.41 12.21
C HIS C 195 6.39 -3.07 13.64
N GLN C 196 7.66 -3.24 13.97
CA GLN C 196 8.20 -2.67 15.22
C GLN C 196 9.60 -2.14 14.97
N ILE C 197 10.10 -1.28 15.84
CA ILE C 197 11.48 -0.79 15.68
C ILE C 197 12.34 -1.23 16.84
N ILE C 198 13.48 -1.84 16.58
CA ILE C 198 14.43 -2.15 17.66
C ILE C 198 15.39 -0.97 17.73
N ASN C 199 15.08 -0.02 18.61
CA ASN C 199 15.96 1.12 18.81
C ASN C 199 16.80 0.76 20.02
N LEU C 200 18.08 0.50 19.84
CA LEU C 200 18.96 0.00 20.91
C LEU C 200 18.92 0.68 22.27
N ARG C 201 18.64 1.98 22.35
CA ARG C 201 18.48 2.63 23.67
C ARG C 201 17.21 2.29 24.41
N THR C 202 16.24 1.81 23.67
CA THR C 202 14.90 1.47 24.16
C THR C 202 14.64 -0.02 24.29
N ASN C 203 14.96 -0.82 23.28
CA ASN C 203 14.61 -2.23 23.34
C ASN C 203 15.51 -3.27 22.68
N ASN C 204 15.48 -4.46 23.28
CA ASN C 204 16.17 -5.67 22.85
C ASN C 204 15.68 -6.32 21.56
N CYS C 205 14.38 -6.16 21.35
CA CYS C 205 13.68 -7.03 20.43
C CYS C 205 12.40 -6.51 19.83
N ALA C 206 11.97 -7.26 18.83
CA ALA C 206 10.69 -7.01 18.22
C ALA C 206 9.87 -8.29 18.23
N THR C 207 8.58 -8.16 18.45
CA THR C 207 7.68 -9.30 18.48
C THR C 207 6.43 -8.99 17.71
N LEU C 208 6.27 -9.71 16.61
CA LEU C 208 5.09 -9.55 15.80
C LEU C 208 4.30 -10.84 15.65
N VAL C 209 3.01 -10.78 15.94
CA VAL C 209 2.11 -11.91 15.77
C VAL C 209 1.37 -11.73 14.44
N LEU C 210 1.60 -12.65 13.54
CA LEU C 210 1.06 -12.64 12.19
C LEU C 210 -0.07 -13.62 11.88
N PRO C 211 -1.24 -13.14 11.46
CA PRO C 211 -2.33 -13.97 10.99
C PRO C 211 -2.01 -14.58 9.63
N TYR C 212 -2.67 -15.66 9.22
CA TYR C 212 -2.56 -16.09 7.82
C TYR C 212 -3.28 -15.02 6.97
N VAL C 213 -2.63 -14.48 5.98
CA VAL C 213 -3.24 -13.50 5.08
C VAL C 213 -3.13 -14.00 3.66
N ASN C 214 -4.21 -13.99 2.90
CA ASN C 214 -4.20 -14.45 1.51
C ASN C 214 -5.53 -14.15 0.81
N SER C 215 -5.59 -14.17 -0.51
CA SER C 215 -6.84 -14.02 -1.28
C SER C 215 -7.67 -15.30 -1.27
N LEU C 216 -7.10 -16.33 -0.67
CA LEU C 216 -7.67 -17.66 -0.51
C LEU C 216 -7.65 -18.16 0.94
N SER C 217 -8.59 -18.99 1.38
CA SER C 217 -8.54 -19.61 2.70
C SER C 217 -7.37 -20.53 2.98
N ILE C 218 -6.91 -21.28 1.97
CA ILE C 218 -5.74 -22.14 2.11
C ILE C 218 -5.04 -22.28 0.75
N ASP C 219 -3.73 -22.48 0.71
CA ASP C 219 -3.02 -22.49 -0.56
C ASP C 219 -1.80 -23.42 -0.56
N SER C 220 -1.14 -23.52 -1.70
CA SER C 220 0.11 -24.24 -1.81
C SER C 220 1.25 -23.51 -1.13
N MET C 221 1.69 -23.99 0.03
CA MET C 221 2.82 -23.37 0.73
C MET C 221 4.14 -23.49 -0.02
N VAL C 222 4.33 -24.59 -0.75
CA VAL C 222 5.53 -24.78 -1.56
C VAL C 222 5.58 -23.84 -2.77
N LYS C 223 4.46 -23.46 -3.38
CA LYS C 223 4.51 -22.52 -4.49
C LYS C 223 4.40 -21.06 -4.08
N HIS C 224 3.88 -20.81 -2.87
CA HIS C 224 3.56 -19.45 -2.45
C HIS C 224 3.88 -18.97 -1.04
N ASN C 225 4.67 -17.93 -0.94
CA ASN C 225 4.95 -17.30 0.35
C ASN C 225 3.90 -16.22 0.68
N ASN C 226 3.34 -16.23 1.89
CA ASN C 226 2.30 -15.27 2.31
C ASN C 226 2.81 -13.97 2.92
N TRP C 227 3.85 -14.12 3.71
CA TRP C 227 4.48 -13.02 4.43
C TRP C 227 5.96 -12.84 4.11
N GLY C 228 6.44 -11.62 4.11
CA GLY C 228 7.86 -11.35 3.99
C GLY C 228 8.32 -10.65 5.27
N ILE C 229 9.43 -11.06 5.88
CA ILE C 229 9.99 -10.35 7.02
C ILE C 229 11.15 -9.53 6.50
N ALA C 230 11.06 -8.21 6.55
CA ALA C 230 12.15 -7.35 6.11
C ALA C 230 12.74 -6.56 7.26
N ILE C 231 14.04 -6.69 7.50
CA ILE C 231 14.74 -5.95 8.55
C ILE C 231 15.77 -4.98 7.98
N LEU C 232 15.55 -3.68 8.10
CA LEU C 232 16.51 -2.69 7.58
C LEU C 232 17.00 -1.68 8.62
N PRO C 233 18.29 -1.30 8.63
CA PRO C 233 18.80 -0.31 9.55
C PRO C 233 18.32 1.09 9.25
N LEU C 234 17.34 1.57 10.01
CA LEU C 234 16.84 2.94 9.88
C LEU C 234 17.87 3.94 10.37
N ALA C 235 18.59 3.53 11.41
CA ALA C 235 19.70 4.32 11.93
C ALA C 235 20.89 3.39 12.11
N PRO C 236 22.04 3.69 11.51
CA PRO C 236 23.21 2.82 11.47
C PRO C 236 23.80 2.47 12.82
N LEU C 237 24.31 1.27 12.93
CA LEU C 237 24.99 0.83 14.14
C LEU C 237 26.22 1.67 14.42
N ASN C 238 26.34 2.04 15.68
CA ASN C 238 27.46 2.80 16.14
C ASN C 238 27.87 2.50 17.55
N PHE C 239 29.16 2.45 17.82
CA PHE C 239 29.58 2.14 19.17
C PHE C 239 30.80 2.89 19.61
N ALA C 240 30.65 3.45 20.83
CA ALA C 240 31.69 4.21 21.51
C ALA C 240 32.53 5.07 20.59
N SER C 241 33.55 4.47 20.01
CA SER C 241 34.33 5.13 18.96
C SER C 241 34.92 4.13 17.98
N GLU C 242 34.61 2.83 18.19
CA GLU C 242 35.15 1.80 17.34
C GLU C 242 34.60 1.94 15.91
N SER C 243 35.50 2.10 14.97
CA SER C 243 35.17 2.26 13.55
C SER C 243 34.48 1.11 12.86
N SER C 244 34.72 -0.14 13.28
CA SER C 244 33.92 -1.25 12.77
C SER C 244 33.32 -2.19 13.84
N PRO C 245 32.22 -1.76 14.48
CA PRO C 245 31.48 -2.55 15.45
C PRO C 245 30.61 -3.62 14.78
N GLU C 246 30.18 -4.55 15.59
CA GLU C 246 29.31 -5.64 15.19
C GLU C 246 28.37 -6.07 16.31
N ILE C 247 27.09 -6.29 16.07
CA ILE C 247 26.25 -6.99 17.03
C ILE C 247 25.34 -7.99 16.31
N PRO C 248 25.05 -9.16 16.89
CA PRO C 248 24.24 -10.19 16.28
C PRO C 248 22.75 -9.89 16.25
N ILE C 249 22.06 -10.35 15.24
CA ILE C 249 20.61 -10.28 15.17
C ILE C 249 20.14 -11.74 15.03
N THR C 250 19.50 -12.29 16.06
CA THR C 250 18.95 -13.63 15.98
C THR C 250 17.43 -13.62 15.75
N LEU C 251 16.98 -14.39 14.78
CA LEU C 251 15.57 -14.47 14.42
C LEU C 251 14.86 -15.78 14.85
N THR C 252 13.95 -15.74 15.81
CA THR C 252 13.21 -16.94 16.24
C THR C 252 11.75 -16.88 15.79
N ILE C 253 11.26 -17.85 15.04
CA ILE C 253 9.87 -17.85 14.53
C ILE C 253 9.06 -19.09 14.92
N ALA C 254 7.81 -18.88 15.29
CA ALA C 254 6.88 -19.98 15.61
C ALA C 254 5.66 -20.07 14.72
N PRO C 255 5.43 -21.16 13.98
CA PRO C 255 4.15 -21.41 13.35
C PRO C 255 2.99 -21.43 14.35
N MET C 256 1.81 -20.96 13.92
CA MET C 256 0.65 -20.89 14.79
C MET C 256 -0.63 -21.27 14.10
N CYS C 257 -1.51 -22.01 14.80
CA CYS C 257 -2.80 -22.46 14.29
C CYS C 257 -2.77 -23.03 12.87
N CYS C 258 -1.69 -23.72 12.59
CA CYS C 258 -1.48 -24.28 11.27
C CYS C 258 -2.16 -25.60 10.95
N GLU C 259 -2.66 -25.68 9.74
CA GLU C 259 -3.31 -26.89 9.27
C GLU C 259 -3.06 -27.18 7.80
N PHE C 260 -3.12 -28.47 7.50
CA PHE C 260 -2.77 -28.96 6.19
C PHE C 260 -3.79 -29.87 5.52
N ASN C 261 -3.92 -29.77 4.21
CA ASN C 261 -4.84 -30.60 3.44
C ASN C 261 -4.21 -31.26 2.23
N GLY C 262 -4.83 -32.30 1.70
CA GLY C 262 -4.33 -32.98 0.50
C GLY C 262 -3.04 -33.77 0.69
N LEU C 263 -3.08 -34.76 1.57
CA LEU C 263 -1.96 -35.62 1.85
C LEU C 263 -1.65 -36.63 0.73
N ARG C 264 -0.38 -36.70 0.40
CA ARG C 264 0.16 -37.61 -0.59
C ARG C 264 1.63 -37.93 -0.28
N ASN C 265 2.43 -38.36 -1.26
CA ASN C 265 3.85 -38.58 -1.06
C ASN C 265 4.60 -37.27 -0.88
N ILE C 266 5.81 -37.28 -0.32
CA ILE C 266 6.52 -36.01 -0.06
C ILE C 266 7.04 -35.24 -1.27
N THR C 267 6.81 -33.94 -1.27
CA THR C 267 7.40 -33.06 -2.27
C THR C 267 8.90 -32.90 -2.07
N LEU C 268 9.64 -33.23 -3.11
CA LEU C 268 11.09 -33.05 -3.12
C LEU C 268 11.52 -31.96 -4.10
N PRO C 269 11.65 -30.72 -3.66
CA PRO C 269 11.81 -29.57 -4.53
C PRO C 269 13.24 -29.44 -5.07
N ARG C 270 13.40 -28.93 -6.27
CA ARG C 270 14.73 -28.57 -6.79
C ARG C 270 15.11 -27.23 -6.16
N LEU C 271 15.78 -27.28 -5.02
CA LEU C 271 16.22 -26.07 -4.34
C LEU C 271 17.60 -25.51 -4.66
N GLN C 272 18.25 -26.04 -5.69
CA GLN C 272 19.55 -25.58 -6.16
C GLN C 272 19.61 -25.66 -7.68
N GLY D 1 -46.19 4.38 -28.01
CA GLY D 1 -44.96 4.68 -27.27
C GLY D 1 -45.10 5.84 -26.29
N LEU D 2 -44.59 5.82 -25.06
CA LEU D 2 -44.65 6.95 -24.15
C LEU D 2 -43.97 8.19 -24.69
N PRO D 3 -44.65 9.32 -24.85
CA PRO D 3 -44.07 10.53 -25.37
C PRO D 3 -42.90 11.03 -24.54
N VAL D 4 -41.67 10.95 -25.03
CA VAL D 4 -40.49 11.45 -24.33
C VAL D 4 -39.73 12.53 -25.07
N MET D 5 -38.91 13.32 -24.39
CA MET D 5 -38.15 14.37 -25.02
C MET D 5 -36.73 14.41 -24.47
N ASN D 6 -35.79 14.21 -25.35
CA ASN D 6 -34.37 14.20 -25.00
C ASN D 6 -33.79 15.51 -24.50
N THR D 7 -33.15 15.48 -23.35
CA THR D 7 -32.53 16.68 -22.80
C THR D 7 -31.06 16.80 -23.16
N PRO D 8 -30.41 17.97 -23.09
CA PRO D 8 -28.96 18.05 -23.02
C PRO D 8 -28.31 17.05 -22.08
N GLY D 9 -27.13 16.58 -22.43
CA GLY D 9 -26.46 15.51 -21.71
C GLY D 9 -26.71 14.15 -22.37
N SER D 10 -27.79 14.01 -23.13
CA SER D 10 -28.09 12.79 -23.85
C SER D 10 -26.99 12.18 -24.71
N ASN D 11 -26.74 10.89 -24.52
CA ASN D 11 -25.73 10.10 -25.20
C ASN D 11 -24.28 10.41 -24.85
N GLN D 12 -24.04 11.33 -23.93
CA GLN D 12 -22.67 11.62 -23.54
C GLN D 12 -22.06 10.58 -22.61
N TYR D 13 -20.74 10.59 -22.52
CA TYR D 13 -20.10 9.75 -21.55
C TYR D 13 -19.28 10.53 -20.53
N LEU D 14 -19.85 10.71 -19.33
CA LEU D 14 -19.09 11.29 -18.23
C LEU D 14 -18.36 10.20 -17.43
N THR D 15 -17.03 10.15 -17.45
CA THR D 15 -16.27 9.15 -16.68
C THR D 15 -16.60 9.08 -15.18
N ALA D 16 -17.07 10.16 -14.63
CA ALA D 16 -17.52 10.20 -13.23
C ALA D 16 -19.02 9.89 -13.03
N ASP D 17 -19.70 9.31 -14.03
CA ASP D 17 -21.11 9.00 -13.88
C ASP D 17 -21.41 7.78 -13.02
N ASN D 18 -22.66 7.63 -12.62
CA ASN D 18 -23.07 6.51 -11.81
C ASN D 18 -24.39 5.87 -12.25
N PHE D 19 -24.36 5.10 -13.32
CA PHE D 19 -25.59 4.49 -13.82
C PHE D 19 -25.59 2.96 -13.88
N GLN D 20 -26.75 2.36 -13.96
CA GLN D 20 -26.86 0.92 -14.19
C GLN D 20 -26.54 0.57 -15.64
N SER D 21 -26.12 -0.67 -15.88
CA SER D 21 -25.85 -1.18 -17.22
C SER D 21 -26.05 -2.67 -17.34
N PRO D 22 -26.37 -3.27 -18.50
CA PRO D 22 -26.56 -4.70 -18.63
C PRO D 22 -25.36 -5.57 -18.24
N CYS D 23 -25.61 -6.65 -17.51
CA CYS D 23 -24.56 -7.57 -17.13
C CYS D 23 -24.18 -8.57 -18.23
N ALA D 24 -22.93 -8.60 -18.63
CA ALA D 24 -22.47 -9.50 -19.68
C ALA D 24 -22.40 -10.98 -19.31
N LEU D 25 -22.30 -11.27 -18.02
CA LEU D 25 -22.28 -12.63 -17.55
C LEU D 25 -23.44 -12.87 -16.58
N PRO D 26 -24.68 -13.00 -17.08
CA PRO D 26 -25.85 -13.23 -16.26
C PRO D 26 -25.76 -14.52 -15.46
N GLU D 27 -26.40 -14.59 -14.31
CA GLU D 27 -26.43 -15.77 -13.43
C GLU D 27 -25.12 -16.44 -13.03
N PHE D 28 -24.02 -15.73 -13.22
CA PHE D 28 -22.70 -16.17 -12.82
C PHE D 28 -22.61 -16.51 -11.34
N ASP D 29 -22.07 -17.66 -11.00
CA ASP D 29 -21.90 -18.03 -9.60
C ASP D 29 -20.70 -17.37 -8.94
N VAL D 30 -20.92 -16.23 -8.29
CA VAL D 30 -19.86 -15.50 -7.62
C VAL D 30 -19.17 -16.19 -6.44
N THR D 31 -17.84 -16.16 -6.38
CA THR D 31 -17.16 -16.69 -5.19
C THR D 31 -17.41 -15.78 -4.01
N PRO D 32 -17.89 -16.27 -2.87
CA PRO D 32 -18.14 -15.48 -1.67
C PRO D 32 -16.90 -14.83 -1.08
N PRO D 33 -17.01 -13.75 -0.33
CA PRO D 33 -15.90 -13.18 0.43
C PRO D 33 -15.46 -14.06 1.58
N ILE D 34 -14.19 -13.97 1.97
CA ILE D 34 -13.75 -14.57 3.23
C ILE D 34 -13.24 -13.41 4.09
N ASP D 35 -13.13 -13.55 5.39
CA ASP D 35 -12.68 -12.45 6.24
C ASP D 35 -11.17 -12.20 6.21
N ILE D 36 -10.69 -11.52 5.19
CA ILE D 36 -9.27 -11.19 5.08
C ILE D 36 -8.86 -10.13 6.11
N PRO D 37 -7.82 -10.32 6.92
CA PRO D 37 -7.29 -9.25 7.73
C PRO D 37 -6.82 -8.00 6.99
N GLY D 38 -6.95 -6.84 7.64
CA GLY D 38 -6.49 -5.58 7.07
C GLY D 38 -7.39 -4.83 6.10
N GLU D 39 -8.72 -4.89 6.22
CA GLU D 39 -9.59 -4.15 5.31
C GLU D 39 -9.59 -2.63 5.48
N VAL D 40 -9.55 -1.85 4.40
CA VAL D 40 -9.60 -0.40 4.52
C VAL D 40 -10.94 0.16 4.03
N LYS D 41 -11.58 1.05 4.77
CA LYS D 41 -12.82 1.66 4.29
C LYS D 41 -12.66 3.07 3.73
N ASN D 42 -11.61 3.79 4.13
CA ASN D 42 -11.38 5.16 3.70
C ASN D 42 -9.90 5.52 3.57
N MET D 43 -9.46 6.19 2.50
CA MET D 43 -8.06 6.55 2.30
C MET D 43 -7.43 7.34 3.47
N MET D 44 -8.20 8.16 4.16
CA MET D 44 -7.71 8.88 5.33
C MET D 44 -7.21 8.02 6.46
N GLU D 45 -7.71 6.78 6.58
CA GLU D 45 -7.14 5.80 7.52
C GLU D 45 -5.63 5.62 7.32
N LEU D 46 -5.23 5.61 6.05
CA LEU D 46 -3.83 5.47 5.71
C LEU D 46 -3.04 6.73 6.05
N ALA D 47 -3.64 7.88 5.81
CA ALA D 47 -3.02 9.15 6.18
C ALA D 47 -2.81 9.33 7.69
N GLU D 48 -3.58 8.63 8.51
CA GLU D 48 -3.40 8.68 9.95
C GLU D 48 -2.28 7.78 10.49
N ILE D 49 -1.64 7.00 9.63
CA ILE D 49 -0.51 6.16 10.01
C ILE D 49 0.81 6.92 9.92
N ASP D 50 1.60 6.91 10.96
CA ASP D 50 2.93 7.51 10.94
C ASP D 50 3.86 6.96 9.87
N THR D 51 4.34 7.82 9.02
CA THR D 51 5.30 7.44 7.99
C THR D 51 6.57 8.29 8.05
N MET D 52 7.73 7.74 7.72
CA MET D 52 9.00 8.46 7.92
C MET D 52 9.40 9.51 6.88
N ILE D 53 9.70 10.71 7.34
CA ILE D 53 10.04 11.84 6.50
C ILE D 53 11.46 11.82 5.89
N PRO D 54 11.65 11.97 4.57
CA PRO D 54 12.96 12.13 3.95
C PRO D 54 13.50 13.54 4.22
N PHE D 55 13.82 13.91 5.47
CA PHE D 55 14.28 15.25 5.77
C PHE D 55 15.49 15.79 5.03
N ASP D 56 16.54 14.99 4.89
CA ASP D 56 17.74 15.47 4.26
C ASP D 56 17.85 15.16 2.77
N LEU D 57 17.15 15.93 1.95
CA LEU D 57 17.24 15.74 0.50
C LEU D 57 18.40 16.47 -0.16
N SER D 58 19.55 16.44 0.51
CA SER D 58 20.77 17.06 -0.01
C SER D 58 21.27 16.33 -1.25
N ALA D 59 22.01 17.02 -2.12
CA ALA D 59 22.53 16.43 -3.35
C ALA D 59 23.19 15.06 -3.24
N THR D 60 23.89 14.81 -2.13
CA THR D 60 24.51 13.52 -1.92
C THR D 60 23.72 12.57 -1.04
N LYS D 61 22.79 13.06 -0.23
CA LYS D 61 21.98 12.22 0.63
C LYS D 61 20.67 11.72 -0.02
N LYS D 62 20.08 12.51 -0.92
CA LYS D 62 18.80 12.15 -1.53
C LYS D 62 18.76 10.84 -2.28
N ASN D 63 17.61 10.20 -2.35
CA ASN D 63 17.44 8.89 -3.00
C ASN D 63 18.38 7.81 -2.48
N THR D 64 18.73 7.93 -1.21
CA THR D 64 19.50 6.91 -0.52
C THR D 64 18.91 6.73 0.88
N MET D 65 19.25 5.67 1.62
CA MET D 65 18.78 5.48 3.00
C MET D 65 19.08 6.63 3.96
N GLU D 66 20.04 7.43 3.57
CA GLU D 66 20.50 8.59 4.30
C GLU D 66 19.55 9.75 4.39
N MET D 67 18.71 10.00 3.37
CA MET D 67 17.77 11.11 3.40
C MET D 67 16.83 11.13 4.62
N TYR D 68 16.64 9.96 5.23
CA TYR D 68 15.81 9.78 6.41
C TYR D 68 16.47 10.12 7.75
N ARG D 69 17.76 10.29 7.80
CA ARG D 69 18.47 10.52 9.06
C ARG D 69 18.86 11.94 9.38
N VAL D 70 18.29 12.58 10.40
CA VAL D 70 18.76 13.90 10.77
C VAL D 70 19.86 13.79 11.82
N ARG D 71 21.07 14.10 11.42
CA ARG D 71 22.23 14.05 12.31
C ARG D 71 22.39 15.18 13.32
N LEU D 72 22.54 14.78 14.56
CA LEU D 72 22.81 15.70 15.64
C LEU D 72 24.18 15.45 16.23
N SER D 73 24.66 16.36 17.09
CA SER D 73 25.94 16.14 17.76
C SER D 73 26.07 16.78 19.12
N ASP D 74 27.03 16.36 19.94
CA ASP D 74 27.24 16.93 21.28
C ASP D 74 27.85 18.34 21.32
N LYS D 75 27.87 19.02 20.18
CA LYS D 75 28.47 20.33 20.07
C LYS D 75 27.92 21.43 20.96
N PRO D 76 28.65 22.51 21.28
CA PRO D 76 28.14 23.55 22.15
C PRO D 76 26.87 24.19 21.63
N HIS D 77 26.01 24.60 22.56
CA HIS D 77 24.74 25.21 22.19
C HIS D 77 24.78 26.31 21.16
N THR D 78 23.86 26.19 20.22
CA THR D 78 23.63 27.19 19.20
C THR D 78 22.16 27.51 19.03
N ASP D 79 21.81 28.70 18.55
CA ASP D 79 20.41 29.02 18.26
C ASP D 79 20.03 28.87 16.79
N ASP D 80 20.93 28.27 16.03
CA ASP D 80 20.69 27.94 14.64
C ASP D 80 19.87 26.68 14.39
N PRO D 81 19.02 26.60 13.37
CA PRO D 81 18.16 25.47 13.12
C PRO D 81 18.83 24.16 12.78
N ILE D 82 18.34 23.08 13.37
CA ILE D 82 18.71 21.72 13.01
C ILE D 82 18.11 21.41 11.63
N LEU D 83 16.82 21.68 11.48
CA LEU D 83 16.12 21.53 10.21
C LEU D 83 15.02 22.57 10.05
N CYS D 84 14.77 22.99 8.82
CA CYS D 84 13.74 23.96 8.48
C CYS D 84 12.84 23.34 7.42
N LEU D 85 11.54 23.34 7.61
CA LEU D 85 10.60 22.67 6.71
C LEU D 85 9.35 23.50 6.45
N SER D 86 8.92 23.70 5.21
CA SER D 86 7.64 24.38 4.95
C SER D 86 6.39 23.54 5.10
N LEU D 87 5.33 23.97 5.78
CA LEU D 87 4.10 23.18 5.87
C LEU D 87 3.27 23.16 4.58
N SER D 88 3.77 22.38 3.64
CA SER D 88 3.11 22.18 2.34
C SER D 88 2.99 20.69 2.08
N PRO D 89 2.13 19.96 2.79
CA PRO D 89 2.19 18.52 2.93
C PRO D 89 2.24 17.74 1.62
N ALA D 90 1.59 18.27 0.59
CA ALA D 90 1.59 17.64 -0.73
C ALA D 90 2.65 18.10 -1.72
N SER D 91 3.17 19.32 -1.57
CA SER D 91 4.12 19.86 -2.54
C SER D 91 5.54 20.09 -2.06
N ASP D 92 5.80 20.15 -0.76
CA ASP D 92 7.15 20.28 -0.27
C ASP D 92 7.94 18.98 -0.51
N PRO D 93 9.13 18.98 -1.11
CA PRO D 93 9.85 17.77 -1.52
C PRO D 93 10.03 16.75 -0.42
N ARG D 94 10.20 17.23 0.80
CA ARG D 94 10.32 16.36 1.99
C ARG D 94 9.03 15.70 2.46
N LEU D 95 7.88 16.36 2.33
CA LEU D 95 6.60 15.78 2.75
C LEU D 95 5.80 15.09 1.63
N SER D 96 5.89 15.59 0.41
CA SER D 96 5.17 15.10 -0.77
C SER D 96 5.19 13.62 -1.12
N HIS D 97 6.24 12.90 -0.73
CA HIS D 97 6.32 11.48 -1.01
C HIS D 97 6.09 10.53 0.17
N THR D 98 5.74 11.12 1.31
CA THR D 98 5.31 10.37 2.48
C THR D 98 3.94 9.75 2.22
N MET D 99 3.43 8.71 2.88
CA MET D 99 2.07 8.21 2.62
C MET D 99 0.99 9.30 2.66
N LEU D 100 1.08 10.24 3.62
CA LEU D 100 0.19 11.39 3.67
C LEU D 100 0.27 12.23 2.40
N GLY D 101 1.48 12.64 2.05
CA GLY D 101 1.73 13.45 0.86
C GLY D 101 1.22 12.76 -0.41
N GLU D 102 1.46 11.45 -0.50
CA GLU D 102 0.99 10.68 -1.62
C GLU D 102 -0.52 10.63 -1.79
N ILE D 103 -1.28 10.42 -0.73
CA ILE D 103 -2.73 10.48 -0.79
C ILE D 103 -3.19 11.90 -1.14
N LEU D 104 -2.57 12.91 -0.53
CA LEU D 104 -2.86 14.29 -0.83
C LEU D 104 -2.67 14.69 -2.29
N ASN D 105 -1.75 14.05 -3.00
CA ASN D 105 -1.61 14.32 -4.43
C ASN D 105 -2.65 13.66 -5.34
N TYR D 106 -3.60 12.93 -4.77
CA TYR D 106 -4.75 12.46 -5.53
C TYR D 106 -5.97 13.33 -5.26
N TYR D 107 -5.77 14.43 -4.54
CA TYR D 107 -6.84 15.36 -4.21
C TYR D 107 -6.39 16.82 -4.37
N THR D 108 -7.31 17.74 -4.63
CA THR D 108 -6.97 19.14 -4.84
C THR D 108 -6.93 19.97 -3.57
N HIS D 109 -7.74 19.60 -2.60
CA HIS D 109 -7.86 20.39 -1.37
C HIS D 109 -7.63 19.59 -0.11
N TRP D 110 -6.89 20.10 0.87
CA TRP D 110 -6.74 19.41 2.14
C TRP D 110 -7.07 20.30 3.33
N ALA D 111 -7.48 19.70 4.43
CA ALA D 111 -7.75 20.46 5.68
C ALA D 111 -7.64 19.64 6.94
N GLY D 112 -7.21 20.26 8.03
CA GLY D 112 -7.12 19.57 9.30
C GLY D 112 -5.76 19.67 9.97
N SER D 113 -5.67 19.09 11.17
CA SER D 113 -4.42 19.07 11.93
C SER D 113 -3.49 17.91 11.64
N LEU D 114 -2.21 18.22 11.62
CA LEU D 114 -1.14 17.26 11.36
C LEU D 114 -0.30 17.04 12.63
N LYS D 115 0.39 15.93 12.73
CA LYS D 115 1.32 15.76 13.84
C LYS D 115 2.66 15.15 13.44
N PHE D 116 3.71 15.78 13.94
CA PHE D 116 5.08 15.34 13.70
C PHE D 116 5.68 14.66 14.92
N THR D 117 6.14 13.44 14.76
CA THR D 117 6.77 12.73 15.86
C THR D 117 8.23 12.45 15.58
N PHE D 118 9.09 12.88 16.48
CA PHE D 118 10.52 12.62 16.34
C PHE D 118 11.00 11.49 17.24
N LEU D 119 11.81 10.60 16.67
CA LEU D 119 12.44 9.50 17.39
C LEU D 119 13.94 9.68 17.58
N PHE D 120 14.41 9.71 18.83
CA PHE D 120 15.84 9.82 19.08
C PHE D 120 16.56 8.48 18.99
N CYS D 121 17.39 8.28 17.97
CA CYS D 121 18.11 7.00 17.82
C CYS D 121 19.56 7.05 18.31
N GLY D 122 19.81 7.82 19.34
CA GLY D 122 21.14 7.88 19.95
C GLY D 122 21.33 6.85 21.05
N SER D 123 22.41 6.87 21.81
CA SER D 123 22.60 5.89 22.89
C SER D 123 21.87 6.25 24.19
N MET D 124 21.62 5.30 25.10
CA MET D 124 20.96 5.59 26.36
C MET D 124 21.70 6.60 27.21
N MET D 125 23.02 6.54 27.14
CA MET D 125 23.86 7.50 27.87
C MET D 125 23.79 8.93 27.36
N ALA D 126 23.24 9.14 26.17
CA ALA D 126 23.07 10.48 25.64
C ALA D 126 21.84 11.21 26.14
N THR D 127 22.02 12.44 26.57
CA THR D 127 20.88 13.26 27.00
C THR D 127 20.73 14.53 26.16
N GLY D 128 19.61 15.22 26.24
CA GLY D 128 19.44 16.46 25.50
C GLY D 128 18.04 17.06 25.51
N LYS D 129 17.93 18.35 25.31
CA LYS D 129 16.62 18.98 25.17
C LYS D 129 16.51 19.74 23.85
N LEU D 130 15.48 19.41 23.08
CA LEU D 130 15.25 20.07 21.79
C LEU D 130 13.95 20.87 21.73
N LEU D 131 13.91 21.92 20.91
CA LEU D 131 12.69 22.69 20.73
C LEU D 131 12.11 22.49 19.34
N VAL D 132 10.92 21.92 19.26
CA VAL D 132 10.23 21.71 17.98
C VAL D 132 9.18 22.81 17.80
N SER D 133 9.23 23.51 16.67
CA SER D 133 8.37 24.63 16.42
C SER D 133 7.52 24.66 15.16
N TYR D 134 6.40 25.38 15.28
CA TYR D 134 5.49 25.66 14.20
C TYR D 134 5.08 27.13 14.23
N ALA D 135 5.48 27.84 13.18
CA ALA D 135 5.11 29.23 12.99
C ALA D 135 4.04 29.35 11.92
N PRO D 136 2.81 29.72 12.25
CA PRO D 136 1.80 30.05 11.24
C PRO D 136 2.21 31.14 10.26
N PRO D 137 1.77 31.17 9.00
CA PRO D 137 2.33 31.99 7.94
C PRO D 137 2.22 33.50 8.13
N GLY D 138 2.95 34.33 7.37
CA GLY D 138 2.72 35.77 7.42
C GLY D 138 3.88 36.63 7.89
N ALA D 139 4.81 36.06 8.62
CA ALA D 139 6.01 36.78 9.02
C ALA D 139 7.30 36.17 8.47
N ASP D 140 8.46 36.66 8.89
CA ASP D 140 9.74 36.08 8.49
C ASP D 140 9.87 34.65 8.97
N PRO D 141 10.17 33.69 8.09
CA PRO D 141 10.40 32.32 8.49
C PRO D 141 11.52 32.22 9.52
N PRO D 142 11.36 31.51 10.63
CA PRO D 142 12.30 31.54 11.72
C PRO D 142 13.68 30.96 11.44
N LYS D 143 14.73 31.75 11.59
CA LYS D 143 16.09 31.22 11.46
C LYS D 143 16.91 31.15 12.73
N LYS D 144 16.26 31.46 13.84
CA LYS D 144 16.86 31.50 15.16
C LYS D 144 15.87 31.04 16.22
N ARG D 145 16.31 30.32 17.25
CA ARG D 145 15.43 29.86 18.32
C ARG D 145 14.53 30.94 18.89
N LYS D 146 15.03 32.16 19.08
CA LYS D 146 14.22 33.27 19.61
C LYS D 146 12.95 33.55 18.81
N GLU D 147 13.02 33.53 17.48
CA GLU D 147 11.83 33.71 16.64
C GLU D 147 10.88 32.53 16.73
N ALA D 148 11.41 31.31 16.68
CA ALA D 148 10.60 30.11 16.76
C ALA D 148 9.91 29.88 18.10
N MET D 149 10.58 30.27 19.17
CA MET D 149 10.10 30.23 20.55
C MET D 149 8.70 30.87 20.67
N LEU D 150 8.53 31.98 19.93
CA LEU D 150 7.29 32.73 19.88
C LEU D 150 6.05 32.08 19.28
N GLY D 151 6.21 31.05 18.48
CA GLY D 151 5.09 30.35 17.90
C GLY D 151 4.74 29.05 18.61
N THR D 152 3.94 28.21 17.98
CA THR D 152 3.51 26.96 18.59
C THR D 152 4.70 26.03 18.75
N HIS D 153 5.00 25.60 19.96
CA HIS D 153 6.14 24.73 20.12
C HIS D 153 6.13 23.73 21.28
N VAL D 154 6.98 22.73 21.19
CA VAL D 154 7.17 21.73 22.24
C VAL D 154 8.64 21.63 22.62
N ILE D 155 8.96 21.70 23.91
CA ILE D 155 10.31 21.46 24.37
C ILE D 155 10.38 20.00 24.81
N TRP D 156 11.06 19.26 23.94
CA TRP D 156 11.28 17.83 24.08
C TRP D 156 12.48 17.48 24.94
N ASP D 157 12.21 16.79 26.03
CA ASP D 157 13.29 16.27 26.84
C ASP D 157 13.55 14.78 26.60
N ILE D 158 14.74 14.47 26.13
CA ILE D 158 15.14 13.10 25.84
C ILE D 158 15.30 12.23 27.08
N GLY D 159 14.75 11.02 27.07
CA GLY D 159 14.76 10.12 28.21
C GLY D 159 14.16 8.76 27.87
N LEU D 160 13.62 7.92 28.78
CA LEU D 160 13.11 6.59 28.44
C LEU D 160 12.05 6.57 27.35
N GLN D 161 11.15 7.55 27.38
CA GLN D 161 10.21 7.71 26.29
C GLN D 161 10.98 8.37 25.15
N SER D 162 11.41 7.48 24.28
CA SER D 162 12.21 7.81 23.09
C SER D 162 11.78 8.90 22.14
N SER D 163 10.47 8.99 22.00
CA SER D 163 9.87 9.85 21.00
C SER D 163 9.03 10.99 21.53
N CYS D 164 8.93 12.06 20.74
CA CYS D 164 8.10 13.20 21.11
C CYS D 164 7.21 13.66 19.97
N THR D 165 5.96 13.98 20.26
CA THR D 165 5.02 14.41 19.23
C THR D 165 4.63 15.88 19.37
N MET D 166 4.81 16.63 18.29
CA MET D 166 4.30 17.98 18.20
C MET D 166 3.08 18.03 17.26
N VAL D 167 1.92 18.44 17.76
CA VAL D 167 0.76 18.61 16.90
C VAL D 167 0.77 19.99 16.22
N VAL D 168 0.65 20.03 14.90
CA VAL D 168 0.49 21.26 14.16
C VAL D 168 -1.02 21.50 14.03
N PRO D 169 -1.60 22.41 14.81
CA PRO D 169 -3.03 22.58 14.89
C PRO D 169 -3.59 23.20 13.63
N TRP D 170 -4.78 22.86 13.11
CA TRP D 170 -5.32 23.56 11.95
C TRP D 170 -5.54 25.06 12.17
N ILE D 171 -4.58 25.85 11.71
CA ILE D 171 -4.68 27.31 11.77
C ILE D 171 -4.56 27.86 10.34
N SER D 172 -5.72 28.01 9.72
CA SER D 172 -5.84 28.51 8.36
C SER D 172 -6.89 29.61 8.22
N ASN D 173 -6.79 30.43 7.18
CA ASN D 173 -7.83 31.39 6.90
C ASN D 173 -8.95 30.77 6.07
N THR D 174 -8.55 30.03 5.05
CA THR D 174 -9.48 29.34 4.20
C THR D 174 -9.94 28.03 4.80
N THR D 175 -11.11 27.56 4.42
CA THR D 175 -11.66 26.31 4.96
C THR D 175 -10.86 25.07 4.53
N TYR D 176 -10.24 25.18 3.37
CA TYR D 176 -9.32 24.19 2.82
C TYR D 176 -8.10 24.81 2.17
N ARG D 177 -6.94 24.21 2.33
CA ARG D 177 -5.75 24.65 1.61
C ARG D 177 -5.57 23.85 0.33
N GLN D 178 -4.81 24.35 -0.64
CA GLN D 178 -4.57 23.61 -1.87
C GLN D 178 -3.44 22.60 -1.78
N THR D 179 -3.41 21.54 -2.57
CA THR D 179 -2.31 20.57 -2.54
C THR D 179 -1.13 20.91 -3.44
N ILE D 180 -0.91 22.20 -3.65
CA ILE D 180 0.18 22.75 -4.45
C ILE D 180 0.81 23.95 -3.76
N ASP D 181 2.05 24.37 -4.10
CA ASP D 181 2.59 25.60 -3.53
C ASP D 181 1.80 26.80 -4.04
N ASP D 182 1.20 27.51 -3.10
CA ASP D 182 0.38 28.67 -3.37
C ASP D 182 0.38 29.66 -2.22
N SER D 183 0.92 30.85 -2.39
CA SER D 183 0.96 31.87 -1.35
C SER D 183 -0.33 32.16 -0.61
N PHE D 184 -1.45 32.17 -1.32
CA PHE D 184 -2.75 32.41 -0.70
C PHE D 184 -3.14 31.37 0.34
N THR D 185 -2.83 30.09 0.12
CA THR D 185 -3.15 29.06 1.07
C THR D 185 -1.91 28.49 1.74
N GLU D 186 -0.87 29.30 1.95
CA GLU D 186 0.32 28.83 2.63
C GLU D 186 0.09 28.40 4.08
N GLY D 187 0.77 27.37 4.53
CA GLY D 187 0.57 26.85 5.88
C GLY D 187 1.60 27.19 6.95
N GLY D 188 2.71 27.86 6.67
CA GLY D 188 3.67 28.19 7.71
C GLY D 188 4.94 27.34 7.78
N TYR D 189 5.64 27.42 8.89
CA TYR D 189 6.97 26.84 9.03
C TYR D 189 7.24 25.90 10.20
N ILE D 190 7.75 24.72 9.94
CA ILE D 190 8.19 23.82 10.99
C ILE D 190 9.71 23.93 11.11
N SER D 191 10.21 24.04 12.33
CA SER D 191 11.66 24.09 12.55
C SER D 191 12.10 23.47 13.86
N VAL D 192 13.23 22.77 13.87
CA VAL D 192 13.75 22.17 15.10
C VAL D 192 15.04 22.84 15.58
N PHE D 193 15.16 23.01 16.88
CA PHE D 193 16.29 23.68 17.52
C PHE D 193 16.89 22.94 18.72
N TYR D 194 18.12 23.25 19.09
CA TYR D 194 18.66 22.73 20.34
C TYR D 194 18.22 23.61 21.50
N GLN D 195 17.49 23.14 22.50
CA GLN D 195 17.10 23.99 23.63
C GLN D 195 18.28 24.18 24.57
N THR D 196 18.92 23.09 24.93
CA THR D 196 20.17 23.13 25.70
C THR D 196 21.23 22.59 24.74
N ARG D 197 21.67 21.34 24.82
CA ARG D 197 22.55 20.70 23.84
C ARG D 197 22.55 19.18 24.06
N ILE D 198 23.04 18.38 23.12
CA ILE D 198 23.13 16.94 23.37
C ILE D 198 24.39 16.73 24.22
N VAL D 199 24.26 16.08 25.36
CA VAL D 199 25.41 15.80 26.19
C VAL D 199 25.62 14.29 26.31
N VAL D 200 26.82 13.84 25.98
CA VAL D 200 27.21 12.45 26.17
C VAL D 200 28.36 12.33 27.18
N PRO D 201 28.62 11.18 27.79
CA PRO D 201 29.81 10.95 28.58
C PRO D 201 30.98 10.50 27.68
N LEU D 202 32.13 10.19 28.26
CA LEU D 202 33.23 9.62 27.49
C LEU D 202 32.89 8.20 26.99
N SER D 203 33.63 7.61 26.05
CA SER D 203 33.37 6.27 25.49
C SER D 203 31.99 6.07 24.87
N THR D 204 31.39 7.17 24.46
CA THR D 204 30.03 7.24 23.91
C THR D 204 30.08 7.97 22.59
N PRO D 205 29.39 7.60 21.52
CA PRO D 205 29.33 8.38 20.29
C PRO D 205 28.78 9.77 20.45
N ARG D 206 29.57 10.75 19.99
CA ARG D 206 29.21 12.17 20.02
C ARG D 206 28.21 12.62 18.96
N GLU D 207 27.96 11.71 18.02
CA GLU D 207 26.99 11.92 16.98
C GLU D 207 25.94 10.84 16.90
N MET D 208 24.73 11.29 16.70
CA MET D 208 23.60 10.40 16.62
C MET D 208 22.54 10.89 15.65
N ASP D 209 21.62 10.00 15.30
CA ASP D 209 20.54 10.37 14.42
C ASP D 209 19.16 10.48 15.04
N ILE D 210 18.36 11.39 14.54
CA ILE D 210 16.95 11.38 14.89
C ILE D 210 16.16 11.14 13.60
N LEU D 211 15.12 10.34 13.74
CA LEU D 211 14.24 10.06 12.64
C LEU D 211 12.94 10.83 12.86
N GLY D 212 12.27 11.29 11.82
CA GLY D 212 11.01 12.01 12.00
C GLY D 212 9.84 11.41 11.26
N PHE D 213 8.66 11.49 11.83
CA PHE D 213 7.45 10.90 11.23
C PHE D 213 6.29 11.87 11.12
N VAL D 214 5.46 11.74 10.07
CA VAL D 214 4.27 12.56 9.98
C VAL D 214 3.03 11.74 9.75
N SER D 215 1.95 12.19 10.40
CA SER D 215 0.64 11.59 10.21
C SER D 215 -0.48 12.58 10.46
N ALA D 216 -1.65 12.29 9.91
CA ALA D 216 -2.81 13.14 10.06
C ALA D 216 -3.64 12.91 11.32
N CYS D 217 -4.19 13.95 11.92
CA CYS D 217 -5.08 13.81 13.05
C CYS D 217 -6.51 13.43 12.65
N ASN D 218 -7.40 13.03 13.56
CA ASN D 218 -8.78 12.68 13.21
C ASN D 218 -9.70 13.77 12.65
N ASP D 219 -9.23 15.00 12.60
CA ASP D 219 -10.01 16.10 12.03
C ASP D 219 -9.57 16.41 10.61
N PHE D 220 -8.83 15.49 10.01
CA PHE D 220 -8.24 15.71 8.70
C PHE D 220 -9.08 15.18 7.54
N SER D 221 -9.25 15.99 6.51
CA SER D 221 -9.98 15.54 5.34
C SER D 221 -9.43 16.13 4.06
N VAL D 222 -9.73 15.46 2.96
CA VAL D 222 -9.30 15.91 1.64
C VAL D 222 -10.48 15.88 0.67
N ARG D 223 -10.46 16.67 -0.39
CA ARG D 223 -11.53 16.64 -1.39
C ARG D 223 -11.10 17.08 -2.80
N LEU D 224 -12.03 17.00 -3.75
CA LEU D 224 -11.84 17.15 -5.19
C LEU D 224 -10.75 16.22 -5.74
N LEU D 225 -11.17 14.99 -6.00
CA LEU D 225 -10.29 13.96 -6.53
C LEU D 225 -9.62 14.35 -7.84
N ARG D 226 -8.33 14.09 -7.94
CA ARG D 226 -7.56 14.44 -9.12
C ARG D 226 -6.44 13.45 -9.43
N ASP D 227 -5.90 13.55 -10.63
CA ASP D 227 -4.74 12.76 -10.99
C ASP D 227 -3.42 13.28 -10.45
N THR D 228 -2.60 12.36 -10.00
CA THR D 228 -1.30 12.70 -9.46
C THR D 228 -0.22 12.97 -10.49
N THR D 229 0.77 13.75 -10.14
CA THR D 229 1.96 13.94 -10.97
C THR D 229 3.04 12.97 -10.56
N HIS D 230 2.83 12.21 -9.50
CA HIS D 230 3.86 11.31 -8.99
C HIS D 230 4.01 9.98 -9.74
N ILE D 231 3.36 9.85 -10.88
CA ILE D 231 3.46 8.69 -11.77
C ILE D 231 3.08 9.11 -13.18
N GLU D 232 3.77 8.59 -14.16
CA GLU D 232 3.44 8.90 -15.55
C GLU D 232 3.75 7.78 -16.54
N GLN D 233 3.32 7.93 -17.76
CA GLN D 233 3.58 6.95 -18.80
C GLN D 233 4.10 7.62 -20.05
N LYS D 234 5.27 8.23 -19.92
CA LYS D 234 5.91 8.89 -21.06
C LYS D 234 6.20 7.82 -22.13
N ALA D 235 5.55 8.00 -23.25
CA ALA D 235 5.47 7.07 -24.37
C ALA D 235 4.56 5.88 -24.08
N GLY E 1 -41.27 -1.36 -5.97
CA GLY E 1 -39.88 -1.67 -5.59
C GLY E 1 -38.90 -0.49 -5.52
N ALA E 2 -39.35 0.75 -5.44
CA ALA E 2 -38.44 1.90 -5.38
C ALA E 2 -37.76 2.21 -4.05
N GLN E 3 -36.49 2.52 -4.13
CA GLN E 3 -35.66 2.87 -3.00
C GLN E 3 -35.51 4.38 -2.85
N VAL E 4 -35.90 4.97 -1.71
CA VAL E 4 -35.86 6.42 -1.56
C VAL E 4 -34.88 6.90 -0.49
N SER E 5 -33.86 7.63 -0.91
CA SER E 5 -32.85 8.08 0.03
C SER E 5 -32.63 9.58 0.12
N SER E 6 -32.01 10.04 1.19
CA SER E 6 -31.65 11.45 1.37
C SER E 6 -30.39 11.95 0.72
N GLN E 7 -30.45 13.15 0.19
CA GLN E 7 -29.27 13.80 -0.34
C GLN E 7 -28.59 14.59 0.78
N LYS E 8 -27.28 14.48 0.98
CA LYS E 8 -26.62 15.41 1.92
C LYS E 8 -26.48 16.73 1.18
N VAL E 9 -27.40 17.64 1.45
CA VAL E 9 -27.38 18.89 0.68
C VAL E 9 -26.32 19.94 1.01
N GLY E 10 -25.43 20.19 0.04
CA GLY E 10 -24.45 21.26 0.14
C GLY E 10 -25.00 22.70 -0.04
N ALA E 11 -24.70 23.40 -1.13
CA ALA E 11 -25.24 24.74 -1.40
C ALA E 11 -26.73 24.83 -1.81
N HIS E 12 -27.53 25.01 -0.75
CA HIS E 12 -28.98 25.17 -0.80
C HIS E 12 -29.44 26.41 -1.56
N GLU E 13 -30.30 26.21 -2.55
CA GLU E 13 -30.93 27.29 -3.30
C GLU E 13 -31.57 28.36 -2.43
N ASN E 14 -31.70 29.61 -2.90
CA ASN E 14 -32.49 30.60 -2.17
C ASN E 14 -34.03 30.34 -1.98
N SER E 15 -34.42 29.08 -2.18
CA SER E 15 -35.74 28.52 -2.04
C SER E 15 -36.11 28.35 -0.58
N SER E 22 -36.25 20.49 6.72
CA SER E 22 -36.73 19.85 5.49
C SER E 22 -35.70 19.11 4.62
N THR E 23 -35.77 17.76 4.58
CA THR E 23 -34.83 16.96 3.79
C THR E 23 -35.15 16.77 2.29
N ILE E 24 -34.12 16.80 1.42
CA ILE E 24 -34.34 16.53 -0.01
C ILE E 24 -33.92 15.12 -0.37
N ASN E 25 -34.75 14.48 -1.17
CA ASN E 25 -34.57 13.08 -1.53
C ASN E 25 -34.29 12.75 -2.97
N TYR E 26 -33.86 11.54 -3.21
CA TYR E 26 -33.74 11.04 -4.58
C TYR E 26 -34.21 9.59 -4.64
N THR E 27 -34.83 9.26 -5.74
CA THR E 27 -35.41 7.94 -5.96
C THR E 27 -34.54 7.06 -6.82
N THR E 28 -34.45 5.79 -6.49
CA THR E 28 -33.69 4.81 -7.25
C THR E 28 -34.47 3.53 -7.52
N ILE E 29 -34.45 3.01 -8.75
CA ILE E 29 -35.07 1.70 -9.05
C ILE E 29 -34.09 0.80 -9.81
N ASN E 30 -33.83 -0.41 -9.33
CA ASN E 30 -32.99 -1.34 -10.06
C ASN E 30 -33.75 -2.07 -11.16
N TYR E 31 -33.23 -1.98 -12.36
CA TYR E 31 -33.82 -2.55 -13.55
C TYR E 31 -33.36 -3.96 -13.91
N TYR E 32 -32.23 -4.37 -13.38
CA TYR E 32 -31.64 -5.65 -13.75
C TYR E 32 -31.59 -6.68 -12.63
N ARG E 33 -31.72 -7.96 -12.96
CA ARG E 33 -31.61 -9.03 -11.97
C ARG E 33 -30.24 -9.20 -11.34
N ASP E 34 -29.17 -8.99 -12.10
CA ASP E 34 -27.84 -9.15 -11.56
C ASP E 34 -27.37 -7.94 -10.78
N SER E 35 -27.05 -8.02 -9.49
CA SER E 35 -26.58 -6.85 -8.74
C SER E 35 -25.32 -6.19 -9.28
N ALA E 36 -24.50 -6.92 -10.05
CA ALA E 36 -23.35 -6.32 -10.71
C ALA E 36 -23.75 -5.19 -11.66
N SER E 37 -24.95 -5.28 -12.22
CA SER E 37 -25.53 -4.24 -13.07
C SER E 37 -25.91 -2.96 -12.34
N ASN E 38 -25.99 -3.03 -11.02
CA ASN E 38 -26.39 -1.91 -10.22
C ASN E 38 -25.38 -0.77 -10.15
N ALA E 39 -25.89 0.45 -10.05
CA ALA E 39 -25.02 1.58 -9.80
C ALA E 39 -24.37 1.53 -8.41
N ALA E 40 -23.46 2.41 -8.09
CA ALA E 40 -22.89 2.46 -6.75
C ALA E 40 -23.74 3.27 -5.80
N SER E 41 -24.31 2.66 -4.78
CA SER E 41 -25.07 3.33 -3.74
C SER E 41 -24.46 4.56 -3.10
N LYS E 42 -23.13 4.53 -2.91
CA LYS E 42 -22.35 5.59 -2.26
C LYS E 42 -22.68 5.83 -0.78
N GLN E 43 -23.55 5.00 -0.22
CA GLN E 43 -23.89 5.02 1.20
C GLN E 43 -22.91 4.15 1.98
N ASP E 44 -21.69 4.60 1.98
CA ASP E 44 -20.61 3.83 2.60
C ASP E 44 -20.33 4.09 4.06
N PHE E 45 -19.69 3.13 4.72
CA PHE E 45 -19.34 3.31 6.11
C PHE E 45 -17.89 3.63 6.39
N SER E 46 -17.66 4.08 7.61
CA SER E 46 -16.33 4.42 8.06
C SER E 46 -15.92 3.56 9.21
N GLN E 47 -14.64 3.28 9.35
CA GLN E 47 -14.18 2.50 10.48
C GLN E 47 -13.04 3.22 11.16
N ASP E 48 -12.65 2.76 12.33
CA ASP E 48 -11.55 3.39 13.02
C ASP E 48 -10.18 2.84 12.63
N PRO E 49 -9.13 3.67 12.46
CA PRO E 49 -7.83 3.25 11.96
C PRO E 49 -7.04 2.30 12.86
N SER E 50 -7.51 2.06 14.10
CA SER E 50 -6.88 1.22 15.10
C SER E 50 -6.03 0.03 14.65
N LYS E 51 -6.56 -0.85 13.80
CA LYS E 51 -5.79 -1.98 13.31
C LYS E 51 -4.51 -1.63 12.55
N PHE E 52 -4.44 -0.43 12.00
CA PHE E 52 -3.23 0.08 11.36
C PHE E 52 -2.44 1.00 12.28
N THR E 53 -3.10 1.91 12.97
CA THR E 53 -2.41 2.90 13.82
C THR E 53 -2.02 2.48 15.22
N GLU E 54 -2.76 1.55 15.79
CA GLU E 54 -2.50 1.01 17.11
C GLU E 54 -2.46 -0.52 17.21
N PRO E 55 -1.75 -1.32 16.38
CA PRO E 55 -1.84 -2.78 16.39
C PRO E 55 -1.16 -3.44 17.56
N ILE E 56 -0.88 -2.74 18.66
CA ILE E 56 -0.21 -3.30 19.81
C ILE E 56 -1.13 -4.15 20.66
N LYS E 57 -0.60 -5.20 21.26
CA LYS E 57 -1.39 -6.12 22.06
C LYS E 57 -1.98 -5.46 23.30
N ASP E 58 -1.20 -4.66 24.04
CA ASP E 58 -1.76 -3.94 25.15
C ASP E 58 -2.36 -2.60 24.77
N VAL E 59 -3.65 -2.37 24.99
CA VAL E 59 -4.31 -1.08 24.76
C VAL E 59 -3.52 0.17 25.18
N LEU E 60 -3.44 1.22 24.36
CA LEU E 60 -2.67 2.39 24.80
C LEU E 60 -3.41 3.59 25.36
N ILE E 61 -2.96 4.15 26.47
CA ILE E 61 -3.58 5.35 27.00
C ILE E 61 -2.70 6.56 26.65
N LYS E 62 -3.10 7.48 25.76
CA LYS E 62 -2.23 8.59 25.37
C LYS E 62 -1.67 9.48 26.47
N THR E 63 -2.32 9.63 27.61
CA THR E 63 -1.79 10.42 28.72
C THR E 63 -0.72 9.71 29.54
N ALA E 64 -0.66 8.41 29.38
CA ALA E 64 0.28 7.56 30.11
C ALA E 64 1.60 7.34 29.39
N PRO E 65 2.72 6.97 30.03
CA PRO E 65 3.94 6.58 29.33
C PRO E 65 3.73 5.38 28.41
N MET E 66 4.11 5.46 27.14
CA MET E 66 4.01 4.34 26.20
C MET E 66 4.81 3.11 26.66
N LEU E 67 5.94 3.39 27.27
CA LEU E 67 6.78 2.36 27.86
C LEU E 67 6.86 2.46 29.36
N ASN E 68 6.40 1.39 29.97
CA ASN E 68 6.39 1.28 31.40
C ASN E 68 6.54 -0.21 31.75
C1 J78 F . -18.73 -7.97 -24.72
C2 J78 F . -18.02 -8.30 -23.42
C3 J78 F . -18.49 -9.30 -22.60
C4 J78 F . -17.78 -9.57 -21.45
C5 J78 F . -16.63 -8.85 -21.16
N4 J78 F . -16.25 -7.90 -22.01
N3 J78 F . -16.93 -7.61 -23.14
N6 J78 F . -15.88 -9.16 -20.08
C7 J78 F . -14.57 -8.49 -19.95
C8 J78 F . -14.03 -8.54 -18.55
C9 J78 F . -14.00 -9.95 -18.02
C10 J78 F . -15.28 -10.72 -18.18
C11 J78 F . -16.36 -10.14 -19.10
C12 J78 F . -13.54 -9.99 -16.59
C13 J78 F . -12.08 -9.68 -16.55
C14 J78 F . -11.62 -9.61 -15.12
O15 J78 F . -11.69 -8.29 -14.67
C16 J78 F . -10.54 -7.91 -14.03
C17 J78 F . -10.20 -8.48 -12.83
C18 J78 F . -8.89 -8.38 -12.37
C19 J78 F . -7.93 -7.72 -13.12
C20 J78 F . -8.29 -7.12 -14.32
C21 J78 F . -9.60 -7.22 -14.79
C22 J78 F . -6.61 -7.71 -12.73
O23 J78 F . -6.25 -8.26 -11.68
O24 J78 F . -5.65 -7.03 -13.58
C25 J78 F . -4.70 -7.78 -14.25
C26 J78 F . -3.66 -8.75 -13.61
C1 MYR G . -41.59 -0.89 -7.16
O1 MYR G . -40.70 -0.63 -7.96
C2 MYR G . -43.03 -0.58 -7.52
C3 MYR G . -43.24 0.76 -8.21
C4 MYR G . -42.86 0.75 -9.70
C5 MYR G . -42.92 2.18 -10.25
C6 MYR G . -42.65 2.25 -11.76
C7 MYR G . -41.26 1.72 -12.15
C8 MYR G . -40.80 2.30 -13.49
C9 MYR G . -40.69 1.25 -14.57
C10 MYR G . -39.63 0.19 -14.24
C11 MYR G . -39.75 -0.94 -15.26
C12 MYR G . -38.92 -2.15 -14.87
C13 MYR G . -37.44 -2.00 -15.17
C14 MYR G . -36.98 -3.18 -16.06
#